data_3FE1
#
_entry.id   3FE1
#
_cell.length_a   236.450
_cell.length_b   105.400
_cell.length_c   73.590
_cell.angle_alpha   90.000
_cell.angle_beta   101.040
_cell.angle_gamma   90.000
#
_symmetry.space_group_name_H-M   'C 1 2 1'
#
loop_
_entity.id
_entity.type
_entity.pdbx_description
1 polymer 'Heat shock 70 kDa protein 6'
2 non-polymer "ADENOSINE-5'-DIPHOSPHATE"
3 non-polymer 'PHOSPHATE ION'
4 non-polymer 'MAGNESIUM ION'
5 non-polymer 'CHLORIDE ION'
6 non-polymer 'TRIETHYLENE GLYCOL'
7 water water
#
_entity_poly.entity_id   1
_entity_poly.type   'polypeptide(L)'
_entity_poly.pdbx_seq_one_letter_code
;MHHHHHHSSGVDLGTENLYFQSMELAVGIDLGTTYSCVGVFQQGRVEILANDQGNRTTPSYVAFTDTERLVGDAAKSQAA
LNPHNTVFDAKRLIGRKFADTTVQSDMKHWPFRVVSEGGKPKVRVCYRGEDKTFYPEEISSMVLSKMKETAEAYLGQPVK
HAVITVPAYFNDSQRQATKDAGAIAGLNVLRIINEPTAAAIAYGLDRRGAGERNVLIFDLGGGTFDVSVLSIDAGVFEVK
ATAGDTHLGGEDFDNRLVNHFMEEFRRKHGKDLSGNKRALRRLRTACERAKRTLSSSTQATLEIDSLFEGVDFYTSITRA
RFEELCSDLFRSTLEPVEKALRDAKLDKAQIHDVVLVGGSTRIPKVQKLLQDFFNGKELNKSINPDEAVAYGAAVQAAVL
MGD
;
_entity_poly.pdbx_strand_id   A,B,C
#
loop_
_chem_comp.id
_chem_comp.type
_chem_comp.name
_chem_comp.formula
ADP non-polymer ADENOSINE-5'-DIPHOSPHATE 'C10 H15 N5 O10 P2'
CL non-polymer 'CHLORIDE ION' 'Cl -1'
MG non-polymer 'MAGNESIUM ION' 'Mg 2'
PGE non-polymer 'TRIETHYLENE GLYCOL' 'C6 H14 O4'
PO4 non-polymer 'PHOSPHATE ION' 'O4 P -3'
#
# COMPACT_ATOMS: atom_id res chain seq x y z
N MET A 23 8.45 16.80 -28.37
CA MET A 23 9.60 16.32 -29.20
C MET A 23 10.94 16.30 -28.44
N GLU A 24 10.95 16.76 -27.19
CA GLU A 24 12.17 16.80 -26.38
C GLU A 24 12.65 15.40 -25.94
N LEU A 25 13.91 15.07 -26.24
CA LEU A 25 14.49 13.80 -25.80
C LEU A 25 15.51 14.10 -24.72
N ALA A 26 15.52 13.24 -23.69
CA ALA A 26 16.53 13.22 -22.65
C ALA A 26 17.60 12.20 -23.04
N VAL A 27 18.82 12.37 -22.52
CA VAL A 27 19.97 11.51 -22.84
C VAL A 27 20.47 10.75 -21.62
N GLY A 28 21.18 9.65 -21.87
CA GLY A 28 21.82 8.89 -20.81
C GLY A 28 23.31 9.14 -20.95
N ILE A 29 23.97 9.53 -19.87
CA ILE A 29 25.42 9.80 -19.85
C ILE A 29 26.15 8.94 -18.81
N ASP A 30 27.10 8.13 -19.28
CA ASP A 30 28.10 7.47 -18.46
C ASP A 30 29.24 8.47 -18.29
N LEU A 31 29.37 9.03 -17.08
CA LEU A 31 30.49 9.89 -16.71
C LEU A 31 31.53 8.97 -16.07
N GLY A 32 32.43 8.47 -16.90
CA GLY A 32 33.35 7.42 -16.50
C GLY A 32 34.68 7.98 -16.00
N THR A 33 35.38 7.20 -15.22
CA THR A 33 36.69 7.58 -14.68
C THR A 33 37.65 7.91 -15.81
N THR A 34 37.70 7.06 -16.83
CA THR A 34 38.60 7.27 -17.98
C THR A 34 37.89 7.60 -19.28
N TYR A 35 36.73 6.99 -19.54
CA TYR A 35 35.99 7.31 -20.79
C TYR A 35 34.50 7.50 -20.48
N SER A 36 33.95 8.55 -21.05
CA SER A 36 32.53 8.86 -20.88
C SER A 36 31.80 8.56 -22.19
N CYS A 37 30.48 8.45 -22.11
CA CYS A 37 29.68 7.99 -23.23
C CYS A 37 28.24 8.54 -23.10
N VAL A 38 27.62 8.87 -24.23
CA VAL A 38 26.28 9.45 -24.25
C VAL A 38 25.42 8.73 -25.28
N GLY A 39 24.22 8.35 -24.86
CA GLY A 39 23.25 7.77 -25.75
C GLY A 39 21.90 8.44 -25.64
N VAL A 40 21.07 8.19 -26.66
CA VAL A 40 19.68 8.67 -26.70
C VAL A 40 18.73 7.58 -27.23
N PHE A 41 17.62 7.40 -26.54
CA PHE A 41 16.58 6.42 -26.95
C PHE A 41 15.59 7.12 -27.93
N GLN A 42 15.62 6.72 -29.19
CA GLN A 42 14.89 7.42 -30.26
C GLN A 42 14.40 6.45 -31.31
N GLN A 43 13.11 6.54 -31.66
CA GLN A 43 12.54 5.82 -32.81
C GLN A 43 12.84 4.32 -32.79
N GLY A 44 12.45 3.65 -31.72
CA GLY A 44 12.69 2.23 -31.55
C GLY A 44 13.98 1.89 -30.82
N ARG A 45 15.05 2.62 -31.13
CA ARG A 45 16.41 2.16 -30.81
C ARG A 45 17.27 3.18 -30.01
N VAL A 46 18.27 2.64 -29.34
CA VAL A 46 19.21 3.44 -28.58
C VAL A 46 20.38 3.75 -29.48
N GLU A 47 20.68 5.03 -29.70
CA GLU A 47 21.84 5.47 -30.47
C GLU A 47 22.90 6.01 -29.53
N ILE A 48 24.11 5.50 -29.67
CA ILE A 48 25.25 5.96 -28.91
C ILE A 48 25.97 6.92 -29.81
N LEU A 49 26.26 8.12 -29.33
CA LEU A 49 26.65 9.21 -30.22
C LEU A 49 28.16 9.33 -30.37
N ALA A 50 28.59 9.53 -31.62
CA ALA A 50 29.97 9.64 -31.99
C ALA A 50 30.38 11.06 -31.70
N ASN A 51 31.65 11.28 -31.35
CA ASN A 51 32.14 12.58 -30.95
C ASN A 51 32.89 13.36 -32.07
N ASP A 52 33.56 14.44 -31.69
CA ASP A 52 34.34 15.28 -32.64
C ASP A 52 35.33 14.52 -33.48
N GLN A 53 35.82 13.39 -33.00
CA GLN A 53 36.73 12.58 -33.81
C GLN A 53 36.09 11.28 -34.23
N GLY A 54 34.78 11.16 -34.13
CA GLY A 54 34.12 9.96 -34.65
C GLY A 54 34.10 8.80 -33.67
N ASN A 55 34.54 9.04 -32.42
CA ASN A 55 34.56 7.97 -31.40
C ASN A 55 33.27 7.91 -30.57
N ARG A 56 32.86 6.69 -30.22
CA ARG A 56 31.63 6.43 -29.45
C ARG A 56 31.83 6.53 -27.95
N THR A 57 33.09 6.62 -27.55
CA THR A 57 33.47 7.00 -26.18
C THR A 57 34.48 8.16 -26.20
N THR A 58 34.52 8.93 -25.13
CA THR A 58 35.20 10.21 -25.07
C THR A 58 36.06 10.19 -23.79
N PRO A 59 37.38 10.36 -23.92
CA PRO A 59 38.20 10.39 -22.70
C PRO A 59 37.77 11.49 -21.78
N SER A 60 37.74 11.21 -20.46
CA SER A 60 37.33 12.21 -19.48
C SER A 60 38.55 13.10 -19.15
N TYR A 61 38.94 13.89 -20.15
CA TYR A 61 40.13 14.72 -20.12
C TYR A 61 39.78 16.14 -20.50
N VAL A 62 40.36 17.10 -19.78
CA VAL A 62 40.21 18.51 -20.10
C VAL A 62 41.62 19.14 -20.10
N ALA A 63 41.96 19.80 -21.20
CA ALA A 63 43.24 20.47 -21.33
C ALA A 63 43.04 22.00 -21.38
N PHE A 64 43.81 22.70 -20.56
CA PHE A 64 43.84 24.14 -20.52
C PHE A 64 45.11 24.56 -21.21
N THR A 65 44.97 25.31 -22.29
CA THR A 65 46.12 25.80 -23.05
C THR A 65 46.18 27.34 -22.98
N ASP A 66 47.09 27.93 -23.75
CA ASP A 66 47.16 29.38 -23.91
C ASP A 66 45.89 29.99 -24.49
N THR A 67 45.23 29.28 -25.40
CA THR A 67 44.08 29.85 -26.10
C THR A 67 42.80 29.00 -26.08
N GLU A 68 42.87 27.75 -25.63
CA GLU A 68 41.70 26.90 -25.73
C GLU A 68 41.49 26.01 -24.50
N ARG A 69 40.24 25.65 -24.29
CA ARG A 69 39.93 24.59 -23.36
C ARG A 69 39.46 23.36 -24.16
N LEU A 70 40.33 22.36 -24.27
CA LEU A 70 40.00 21.16 -25.05
C LEU A 70 39.43 20.10 -24.11
N VAL A 71 38.50 19.28 -24.64
CA VAL A 71 37.86 18.22 -23.88
C VAL A 71 37.81 16.95 -24.73
N GLY A 72 38.13 15.82 -24.11
CA GLY A 72 38.05 14.51 -24.79
C GLY A 72 39.32 14.13 -25.53
N ASP A 73 39.16 13.67 -26.77
CA ASP A 73 40.28 13.09 -27.53
C ASP A 73 41.41 14.08 -27.77
N ALA A 74 41.09 15.33 -28.09
CA ALA A 74 42.11 16.33 -28.37
C ALA A 74 42.83 16.72 -27.08
N ALA A 75 42.11 16.71 -25.95
CA ALA A 75 42.77 16.90 -24.66
C ALA A 75 43.75 15.76 -24.42
N LYS A 76 43.32 14.50 -24.61
CA LYS A 76 44.18 13.36 -24.30
C LYS A 76 45.45 13.35 -25.19
N SER A 77 45.29 13.61 -26.47
CA SER A 77 46.41 13.52 -27.40
C SER A 77 47.51 14.60 -27.16
N GLN A 78 47.17 15.73 -26.53
CA GLN A 78 48.18 16.75 -26.26
C GLN A 78 48.69 16.74 -24.81
N ALA A 79 48.39 15.67 -24.07
CA ALA A 79 48.93 15.51 -22.72
C ALA A 79 50.43 15.33 -22.65
N ALA A 80 50.99 14.63 -23.64
CA ALA A 80 52.42 14.44 -23.76
C ALA A 80 53.14 15.77 -23.74
N LEU A 81 52.59 16.75 -24.46
CA LEU A 81 53.23 18.06 -24.60
C LEU A 81 52.81 19.08 -23.55
N ASN A 82 51.71 18.86 -22.86
CA ASN A 82 51.19 19.83 -21.90
C ASN A 82 50.67 19.11 -20.65
N PRO A 83 51.56 18.36 -19.98
CA PRO A 83 51.16 17.46 -18.92
C PRO A 83 50.60 18.14 -17.67
N HIS A 84 51.05 19.35 -17.35
CA HIS A 84 50.70 19.94 -16.06
C HIS A 84 49.31 20.60 -16.09
N ASN A 85 48.80 20.88 -17.29
CA ASN A 85 47.54 21.57 -17.44
C ASN A 85 46.48 20.72 -18.11
N THR A 86 46.74 19.42 -18.16
CA THR A 86 45.82 18.49 -18.74
C THR A 86 45.27 17.62 -17.60
N VAL A 87 43.99 17.80 -17.29
CA VAL A 87 43.41 17.15 -16.16
C VAL A 87 42.60 15.90 -16.55
N PHE A 88 42.63 14.91 -15.67
CA PHE A 88 41.88 13.67 -15.84
C PHE A 88 41.72 13.08 -14.45
N ASP A 89 41.04 11.93 -14.34
CA ASP A 89 40.77 11.28 -13.04
C ASP A 89 39.99 12.13 -12.02
N ALA A 90 39.23 13.11 -12.49
CA ALA A 90 38.41 13.91 -11.57
C ALA A 90 37.41 13.05 -10.80
N LYS A 91 36.94 11.96 -11.40
CA LYS A 91 36.01 11.08 -10.69
C LYS A 91 36.63 10.57 -9.39
N ARG A 92 37.97 10.53 -9.34
CA ARG A 92 38.66 9.98 -8.17
C ARG A 92 38.70 10.97 -7.04
N LEU A 93 38.50 12.26 -7.34
CA LEU A 93 38.43 13.34 -6.35
C LEU A 93 37.01 13.71 -5.94
N ILE A 94 36.03 13.41 -6.80
CA ILE A 94 34.67 13.95 -6.63
C ILE A 94 34.07 13.48 -5.31
N GLY A 95 33.45 14.43 -4.61
CA GLY A 95 32.89 14.21 -3.28
C GLY A 95 33.83 13.72 -2.20
N ARG A 96 35.14 13.89 -2.37
CA ARG A 96 36.12 13.55 -1.31
C ARG A 96 36.78 14.78 -0.69
N LYS A 97 37.47 14.56 0.42
CA LYS A 97 38.28 15.61 1.08
C LYS A 97 39.73 15.47 0.71
N PHE A 98 40.43 16.60 0.75
CA PHE A 98 41.86 16.66 0.42
C PHE A 98 42.66 15.72 1.30
N ALA A 99 42.29 15.66 2.57
CA ALA A 99 43.04 14.87 3.56
C ALA A 99 42.88 13.35 3.38
N ASP A 100 41.83 12.89 2.70
CA ASP A 100 41.65 11.44 2.47
C ASP A 100 42.96 10.78 2.03
N THR A 101 43.18 9.55 2.50
CA THR A 101 44.40 8.81 2.20
C THR A 101 44.46 8.38 0.72
N THR A 102 43.31 8.05 0.12
CA THR A 102 43.24 7.70 -1.30
C THR A 102 43.54 8.91 -2.21
N VAL A 103 43.06 10.11 -1.82
CA VAL A 103 43.40 11.37 -2.54
C VAL A 103 44.90 11.65 -2.48
N GLN A 104 45.50 11.58 -1.29
CA GLN A 104 46.96 11.83 -1.14
C GLN A 104 47.79 10.80 -1.89
N SER A 105 47.36 9.55 -1.87
CA SER A 105 48.06 8.53 -2.66
C SER A 105 47.97 8.77 -4.19
N ASP A 106 46.76 9.00 -4.68
CA ASP A 106 46.52 9.23 -6.11
C ASP A 106 47.29 10.44 -6.57
N MET A 107 47.35 11.49 -5.73
CA MET A 107 48.11 12.73 -6.09
C MET A 107 49.56 12.52 -6.49
N LYS A 108 50.20 11.51 -5.91
CA LYS A 108 51.61 11.25 -6.22
C LYS A 108 51.76 10.77 -7.67
N HIS A 109 50.69 10.23 -8.24
CA HIS A 109 50.76 9.71 -9.59
C HIS A 109 50.23 10.67 -10.65
N TRP A 110 49.70 11.85 -10.28
CA TRP A 110 49.19 12.79 -11.28
C TRP A 110 50.17 13.91 -11.60
N PRO A 111 50.27 14.31 -12.87
CA PRO A 111 51.16 15.41 -13.25
C PRO A 111 50.54 16.81 -13.06
N PHE A 112 49.26 16.87 -12.72
CA PHE A 112 48.61 18.14 -12.46
C PHE A 112 48.60 18.36 -10.95
N ARG A 113 48.69 19.60 -10.55
CA ARG A 113 48.66 19.97 -9.13
C ARG A 113 47.25 19.88 -8.54
N VAL A 114 47.17 19.32 -7.34
CA VAL A 114 45.96 19.35 -6.54
C VAL A 114 46.28 20.11 -5.27
N VAL A 115 45.42 21.07 -4.93
CA VAL A 115 45.56 21.84 -3.70
C VAL A 115 44.31 21.72 -2.85
N SER A 116 44.41 22.25 -1.63
CA SER A 116 43.34 22.20 -0.66
C SER A 116 42.74 23.59 -0.51
N GLU A 117 41.42 23.63 -0.58
CA GLU A 117 40.68 24.83 -0.30
C GLU A 117 39.57 24.45 0.66
N GLY A 118 39.72 24.82 1.93
CA GLY A 118 38.68 24.52 2.91
C GLY A 118 38.49 23.03 3.10
N GLY A 119 39.60 22.29 3.09
CA GLY A 119 39.56 20.83 3.14
C GLY A 119 39.14 20.09 1.87
N LYS A 120 38.75 20.80 0.81
CA LYS A 120 38.30 20.19 -0.45
C LYS A 120 39.39 20.22 -1.52
N PRO A 121 39.57 19.12 -2.29
CA PRO A 121 40.58 19.18 -3.37
C PRO A 121 40.16 20.12 -4.49
N LYS A 122 41.11 20.87 -5.02
CA LYS A 122 40.93 21.56 -6.29
C LYS A 122 42.14 21.26 -7.14
N VAL A 123 41.95 21.26 -8.46
CA VAL A 123 43.09 21.10 -9.34
C VAL A 123 43.54 22.51 -9.70
N ARG A 124 44.85 22.66 -9.88
CA ARG A 124 45.45 23.95 -10.17
C ARG A 124 46.17 23.87 -11.51
N VAL A 125 45.82 24.78 -12.41
CA VAL A 125 46.37 24.78 -13.75
C VAL A 125 46.65 26.20 -14.23
N CYS A 126 47.40 26.27 -15.32
CA CYS A 126 47.55 27.48 -16.11
C CYS A 126 46.61 27.44 -17.32
N TYR A 127 45.76 28.45 -17.43
CA TYR A 127 44.79 28.59 -18.53
C TYR A 127 44.83 30.01 -19.04
N ARG A 128 45.13 30.18 -20.33
CA ARG A 128 45.33 31.50 -20.92
C ARG A 128 46.41 32.29 -20.19
N GLY A 129 47.49 31.62 -19.80
CA GLY A 129 48.54 32.25 -19.02
C GLY A 129 48.19 32.61 -17.58
N GLU A 130 46.99 32.26 -17.11
CA GLU A 130 46.53 32.60 -15.75
C GLU A 130 46.43 31.36 -14.82
N ASP A 131 46.70 31.58 -13.54
CA ASP A 131 46.65 30.53 -12.53
C ASP A 131 45.21 30.33 -12.10
N LYS A 132 44.64 29.16 -12.37
CA LYS A 132 43.24 28.90 -12.03
C LYS A 132 43.13 27.61 -11.24
N THR A 133 42.13 27.56 -10.37
CA THR A 133 41.80 26.36 -9.63
C THR A 133 40.35 25.95 -9.93
N PHE A 134 40.09 24.65 -10.01
CA PHE A 134 38.75 24.15 -10.28
C PHE A 134 38.41 22.97 -9.37
N TYR A 135 37.17 22.90 -8.90
CA TYR A 135 36.70 21.77 -8.13
C TYR A 135 36.50 20.57 -9.07
N PRO A 136 36.58 19.35 -8.52
CA PRO A 136 36.38 18.17 -9.36
C PRO A 136 35.03 18.21 -10.09
N GLU A 137 34.00 18.75 -9.44
CA GLU A 137 32.70 18.88 -10.12
C GLU A 137 32.71 19.90 -11.25
N GLU A 138 33.61 20.88 -11.21
CA GLU A 138 33.72 21.79 -12.35
C GLU A 138 34.38 21.13 -13.56
N ILE A 139 35.43 20.35 -13.33
CA ILE A 139 36.05 19.55 -14.40
C ILE A 139 35.04 18.55 -14.99
N SER A 140 34.39 17.80 -14.13
CA SER A 140 33.34 16.88 -14.60
C SER A 140 32.20 17.58 -15.36
N SER A 141 31.84 18.81 -14.97
CA SER A 141 30.82 19.56 -15.73
C SER A 141 31.25 19.89 -17.16
N MET A 142 32.56 20.05 -17.37
CA MET A 142 33.10 20.32 -18.69
C MET A 142 32.95 19.11 -19.58
N VAL A 143 33.18 17.91 -19.03
CA VAL A 143 32.95 16.66 -19.77
C VAL A 143 31.46 16.48 -20.09
N LEU A 144 30.61 16.72 -19.09
CA LEU A 144 29.18 16.59 -19.28
C LEU A 144 28.65 17.62 -20.26
N SER A 145 29.20 18.84 -20.26
CA SER A 145 28.86 19.83 -21.28
C SER A 145 29.21 19.35 -22.69
N LYS A 146 30.35 18.70 -22.85
CA LYS A 146 30.72 18.13 -24.15
C LYS A 146 29.70 17.08 -24.59
N MET A 147 29.40 16.15 -23.69
CA MET A 147 28.43 15.09 -24.03
C MET A 147 27.05 15.69 -24.42
N LYS A 148 26.56 16.66 -23.64
CA LYS A 148 25.32 17.41 -23.94
C LYS A 148 25.34 18.01 -25.35
N GLU A 149 26.43 18.70 -25.70
CA GLU A 149 26.57 19.34 -27.02
C GLU A 149 26.72 18.35 -28.17
N THR A 150 27.40 17.24 -27.86
CA THR A 150 27.52 16.11 -28.76
C THR A 150 26.13 15.60 -29.13
N ALA A 151 25.26 15.47 -28.12
CA ALA A 151 23.90 15.01 -28.35
C ALA A 151 23.13 16.05 -29.16
N GLU A 152 23.25 17.32 -28.79
CA GLU A 152 22.58 18.40 -29.51
C GLU A 152 22.95 18.45 -31.00
N ALA A 153 24.22 18.26 -31.34
CA ALA A 153 24.68 18.30 -32.72
C ALA A 153 23.98 17.19 -33.52
N TYR A 154 23.92 16.01 -32.92
CA TYR A 154 23.29 14.86 -33.54
C TYR A 154 21.77 15.02 -33.73
N LEU A 155 21.11 15.44 -32.66
CA LEU A 155 19.67 15.60 -32.64
C LEU A 155 19.20 16.87 -33.35
N GLY A 156 20.04 17.89 -33.44
CA GLY A 156 19.64 19.17 -33.99
C GLY A 156 18.62 19.87 -33.10
N GLN A 157 18.70 19.67 -31.78
CA GLN A 157 17.82 20.37 -30.85
C GLN A 157 18.42 20.43 -29.44
N PRO A 158 17.88 21.31 -28.57
CA PRO A 158 18.41 21.44 -27.21
C PRO A 158 18.27 20.14 -26.42
N VAL A 159 19.25 19.82 -25.60
CA VAL A 159 19.15 18.71 -24.68
C VAL A 159 19.26 19.32 -23.30
N LYS A 160 18.25 19.10 -22.47
CA LYS A 160 18.12 19.73 -21.17
C LYS A 160 17.95 18.73 -20.02
N HIS A 161 17.69 17.48 -20.32
CA HIS A 161 17.49 16.47 -19.31
C HIS A 161 18.46 15.31 -19.52
N ALA A 162 18.96 14.74 -18.42
CA ALA A 162 19.85 13.59 -18.51
C ALA A 162 19.68 12.63 -17.32
N VAL A 163 19.90 11.34 -17.54
CA VAL A 163 20.26 10.43 -16.46
C VAL A 163 21.78 10.32 -16.49
N ILE A 164 22.39 10.43 -15.30
CA ILE A 164 23.84 10.26 -15.14
C ILE A 164 24.08 9.11 -14.19
N THR A 165 25.04 8.25 -14.55
CA THR A 165 25.36 7.07 -13.75
C THR A 165 26.55 7.31 -12.82
N VAL A 166 26.61 6.49 -11.77
CA VAL A 166 27.73 6.46 -10.84
C VAL A 166 28.03 5.00 -10.40
N PRO A 167 29.21 4.76 -9.82
CA PRO A 167 29.49 3.43 -9.27
C PRO A 167 28.58 3.07 -8.10
N ALA A 168 28.27 1.77 -7.93
CA ALA A 168 27.37 1.31 -6.87
C ALA A 168 27.84 1.72 -5.48
N TYR A 169 29.15 1.85 -5.30
CA TYR A 169 29.74 2.19 -4.00
C TYR A 169 29.76 3.69 -3.70
N PHE A 170 29.41 4.54 -4.66
CA PHE A 170 29.38 5.97 -4.42
C PHE A 170 28.42 6.28 -3.26
N ASN A 171 28.85 7.19 -2.40
CA ASN A 171 28.06 7.60 -1.24
C ASN A 171 27.21 8.79 -1.60
N ASP A 172 26.49 9.33 -0.63
CA ASP A 172 25.54 10.37 -0.96
C ASP A 172 26.22 11.63 -1.44
N SER A 173 27.36 11.94 -0.84
CA SER A 173 27.98 13.17 -1.14
C SER A 173 28.67 13.06 -2.52
N GLN A 174 29.18 11.88 -2.86
CA GLN A 174 29.66 11.63 -4.22
C GLN A 174 28.50 11.70 -5.24
N ARG A 175 27.33 11.18 -4.88
CA ARG A 175 26.18 11.28 -5.76
C ARG A 175 25.69 12.72 -6.00
N GLN A 176 25.64 13.52 -4.93
CA GLN A 176 25.20 14.92 -5.03
C GLN A 176 26.17 15.73 -5.86
N ALA A 177 27.46 15.47 -5.66
CA ALA A 177 28.50 16.22 -6.36
C ALA A 177 28.46 15.91 -7.88
N THR A 178 28.10 14.68 -8.22
CA THR A 178 27.88 14.33 -9.64
C THR A 178 26.64 15.02 -10.19
N LYS A 179 25.56 15.05 -9.40
CA LYS A 179 24.35 15.81 -9.79
C LYS A 179 24.65 17.31 -9.99
N ASP A 180 25.50 17.87 -9.13
CA ASP A 180 25.95 19.27 -9.27
C ASP A 180 26.76 19.52 -10.55
N ALA A 181 27.64 18.58 -10.92
CA ALA A 181 28.36 18.63 -12.18
C ALA A 181 27.40 18.72 -13.36
N GLY A 182 26.37 17.91 -13.33
CA GLY A 182 25.24 18.00 -14.27
C GLY A 182 24.53 19.36 -14.28
N ALA A 183 24.23 19.87 -13.08
CA ALA A 183 23.57 21.17 -12.99
C ALA A 183 24.47 22.30 -13.54
N ILE A 184 25.76 22.27 -13.20
CA ILE A 184 26.72 23.27 -13.70
C ILE A 184 26.82 23.23 -15.22
N ALA A 185 26.59 22.05 -15.81
CA ALA A 185 26.66 21.90 -17.27
C ALA A 185 25.34 22.25 -17.96
N GLY A 186 24.35 22.66 -17.17
CA GLY A 186 23.02 23.07 -17.71
C GLY A 186 22.08 21.91 -17.90
N LEU A 187 22.33 20.81 -17.23
CA LEU A 187 21.45 19.66 -17.33
C LEU A 187 20.58 19.61 -16.13
N ASN A 188 19.31 19.39 -16.39
CA ASN A 188 18.42 18.94 -15.37
C ASN A 188 18.61 17.43 -15.21
N VAL A 189 19.10 16.99 -14.06
CA VAL A 189 19.37 15.58 -13.84
C VAL A 189 18.10 14.90 -13.38
N LEU A 190 17.59 14.00 -14.20
CA LEU A 190 16.38 13.27 -13.88
C LEU A 190 16.58 12.30 -12.72
N ARG A 191 17.77 11.69 -12.66
CA ARG A 191 18.07 10.64 -11.71
CA ARG A 191 18.08 10.64 -11.70
C ARG A 191 19.56 10.28 -11.80
N ILE A 192 20.18 9.95 -10.67
CA ILE A 192 21.51 9.38 -10.60
C ILE A 192 21.30 7.89 -10.38
N ILE A 193 21.74 7.06 -11.32
CA ILE A 193 21.57 5.61 -11.18
C ILE A 193 22.91 4.88 -11.18
N ASN A 194 22.92 3.67 -10.62
CA ASN A 194 24.16 2.89 -10.53
C ASN A 194 24.52 2.27 -11.88
N GLU A 195 25.82 2.30 -12.19
CA GLU A 195 26.39 1.72 -13.40
C GLU A 195 25.98 0.25 -13.68
N PRO A 196 26.10 -0.63 -12.69
CA PRO A 196 25.66 -1.99 -12.94
C PRO A 196 24.15 -2.15 -13.19
N THR A 197 23.34 -1.29 -12.59
CA THR A 197 21.89 -1.33 -12.79
C THR A 197 21.59 -0.84 -14.22
N ALA A 198 22.31 0.19 -14.66
CA ALA A 198 22.17 0.69 -16.03
C ALA A 198 22.53 -0.40 -17.04
N ALA A 199 23.59 -1.15 -16.78
CA ALA A 199 24.00 -2.20 -17.72
C ALA A 199 22.95 -3.33 -17.80
N ALA A 200 22.34 -3.65 -16.65
CA ALA A 200 21.25 -4.65 -16.62
C ALA A 200 20.01 -4.18 -17.38
N ILE A 201 19.66 -2.91 -17.19
CA ILE A 201 18.55 -2.28 -17.92
C ILE A 201 18.78 -2.28 -19.43
N ALA A 202 20.03 -2.05 -19.83
CA ALA A 202 20.45 -2.07 -21.24
C ALA A 202 20.05 -3.39 -21.95
N TYR A 203 20.24 -4.53 -21.27
CA TYR A 203 19.79 -5.84 -21.75
C TYR A 203 18.36 -6.22 -21.36
N GLY A 204 17.56 -5.29 -20.84
CA GLY A 204 16.18 -5.59 -20.49
C GLY A 204 15.98 -6.64 -19.39
N LEU A 205 16.98 -6.84 -18.54
CA LEU A 205 16.93 -7.90 -17.55
C LEU A 205 15.87 -7.66 -16.48
N ASP A 206 15.43 -6.42 -16.30
CA ASP A 206 14.31 -6.08 -15.38
C ASP A 206 12.93 -6.17 -16.03
N ARG A 207 12.87 -6.63 -17.26
CA ARG A 207 11.62 -6.74 -18.00
C ARG A 207 11.56 -8.13 -18.68
N ARG A 208 11.74 -9.18 -17.87
CA ARG A 208 11.60 -10.56 -18.31
C ARG A 208 10.49 -11.26 -17.52
N GLY A 209 9.37 -10.57 -17.31
CA GLY A 209 8.25 -11.12 -16.54
C GLY A 209 8.49 -11.40 -15.07
N ALA A 210 7.67 -12.29 -14.51
CA ALA A 210 7.75 -12.69 -13.11
C ALA A 210 8.98 -13.54 -12.82
N GLY A 211 9.39 -13.53 -11.57
CA GLY A 211 10.50 -14.36 -11.12
C GLY A 211 11.73 -13.52 -10.87
N GLU A 212 12.34 -13.74 -9.72
CA GLU A 212 13.59 -13.11 -9.36
C GLU A 212 14.69 -13.58 -10.28
N ARG A 213 15.57 -12.68 -10.69
CA ARG A 213 16.82 -13.15 -11.30
C ARG A 213 18.02 -12.54 -10.63
N ASN A 214 19.10 -13.30 -10.67
CA ASN A 214 20.37 -12.88 -10.13
C ASN A 214 21.29 -12.63 -11.30
N VAL A 215 22.01 -11.51 -11.21
CA VAL A 215 22.76 -10.99 -12.32
C VAL A 215 24.15 -10.68 -11.81
N LEU A 216 25.16 -11.11 -12.55
CA LEU A 216 26.50 -10.68 -12.20
C LEU A 216 26.98 -9.69 -13.24
N ILE A 217 27.39 -8.49 -12.80
CA ILE A 217 27.97 -7.49 -13.69
C ILE A 217 29.48 -7.51 -13.48
N PHE A 218 30.23 -7.78 -14.56
CA PHE A 218 31.69 -7.85 -14.58
C PHE A 218 32.14 -6.65 -15.43
N ASP A 219 32.61 -5.63 -14.74
CA ASP A 219 32.88 -4.33 -15.33
C ASP A 219 34.35 -4.03 -15.21
N LEU A 220 35.09 -4.25 -16.29
CA LEU A 220 36.56 -4.03 -16.29
C LEU A 220 36.84 -2.85 -17.19
N GLY A 221 37.03 -1.68 -16.58
CA GLY A 221 37.20 -0.42 -17.29
C GLY A 221 38.63 0.01 -17.61
N GLY A 222 38.80 1.32 -17.81
CA GLY A 222 40.12 1.86 -18.09
C GLY A 222 40.89 2.01 -16.80
N GLY A 223 40.21 2.35 -15.71
CA GLY A 223 40.89 2.57 -14.41
C GLY A 223 40.45 1.72 -13.23
N THR A 224 39.23 1.20 -13.31
CA THR A 224 38.61 0.45 -12.22
C THR A 224 37.95 -0.86 -12.67
N PHE A 225 37.87 -1.78 -11.72
CA PHE A 225 37.26 -3.10 -11.93
C PHE A 225 36.17 -3.25 -10.87
N ASP A 226 34.94 -3.47 -11.34
CA ASP A 226 33.77 -3.59 -10.47
C ASP A 226 32.99 -4.88 -10.75
N VAL A 227 32.83 -5.70 -9.73
CA VAL A 227 31.95 -6.88 -9.79
C VAL A 227 30.74 -6.58 -8.90
N SER A 228 29.54 -6.68 -9.47
CA SER A 228 28.32 -6.40 -8.74
C SER A 228 27.40 -7.57 -8.87
N VAL A 229 26.82 -8.02 -7.76
CA VAL A 229 25.78 -9.00 -7.81
C VAL A 229 24.46 -8.31 -7.49
N LEU A 230 23.53 -8.43 -8.43
CA LEU A 230 22.22 -7.80 -8.36
C LEU A 230 21.18 -8.89 -8.28
N SER A 231 20.13 -8.63 -7.53
CA SER A 231 18.89 -9.40 -7.63
C SER A 231 17.79 -8.48 -8.19
N ILE A 232 17.03 -8.99 -9.13
CA ILE A 232 15.96 -8.22 -9.73
C ILE A 232 14.62 -8.93 -9.48
N ASP A 233 13.63 -8.21 -8.96
CA ASP A 233 12.31 -8.83 -8.75
C ASP A 233 11.20 -7.84 -8.99
N ALA A 234 10.30 -8.15 -9.92
CA ALA A 234 9.19 -7.25 -10.27
C ALA A 234 9.70 -5.87 -10.64
N GLY A 235 10.90 -5.80 -11.20
CA GLY A 235 11.53 -4.53 -11.55
C GLY A 235 12.34 -3.83 -10.46
N VAL A 236 12.32 -4.38 -9.26
CA VAL A 236 13.05 -3.79 -8.13
C VAL A 236 14.47 -4.36 -8.11
N PHE A 237 15.44 -3.45 -8.20
CA PHE A 237 16.87 -3.84 -8.07
C PHE A 237 17.34 -3.81 -6.63
N GLU A 238 18.06 -4.86 -6.23
CA GLU A 238 18.86 -4.82 -4.98
C GLU A 238 20.28 -5.25 -5.30
N VAL A 239 21.24 -4.44 -4.87
CA VAL A 239 22.65 -4.80 -5.00
C VAL A 239 22.95 -5.75 -3.85
N LYS A 240 23.20 -7.01 -4.14
CA LYS A 240 23.50 -7.99 -3.08
C LYS A 240 24.95 -7.90 -2.60
N ALA A 241 25.87 -7.54 -3.51
CA ALA A 241 27.29 -7.59 -3.23
C ALA A 241 28.08 -6.80 -4.26
N THR A 242 29.22 -6.24 -3.81
CA THR A 242 30.19 -5.67 -4.72
C THR A 242 31.61 -6.03 -4.32
N ALA A 243 32.47 -6.19 -5.32
CA ALA A 243 33.88 -6.43 -5.08
C ALA A 243 34.64 -5.78 -6.23
N GLY A 244 35.96 -5.82 -6.17
CA GLY A 244 36.78 -5.33 -7.24
C GLY A 244 38.00 -4.62 -6.73
N ASP A 245 38.44 -3.63 -7.51
CA ASP A 245 39.67 -2.94 -7.27
C ASP A 245 39.62 -1.63 -8.03
N THR A 246 39.61 -0.52 -7.30
CA THR A 246 39.57 0.80 -7.90
C THR A 246 40.85 1.18 -8.65
N HIS A 247 41.90 0.37 -8.51
CA HIS A 247 43.15 0.58 -9.25
C HIS A 247 43.56 -0.60 -10.12
N LEU A 248 42.57 -1.21 -10.78
CA LEU A 248 42.86 -2.19 -11.81
C LEU A 248 41.95 -1.87 -13.02
N GLY A 249 42.58 -1.71 -14.18
CA GLY A 249 41.90 -1.46 -15.44
C GLY A 249 42.84 -1.40 -16.62
N GLY A 250 42.28 -1.06 -17.77
CA GLY A 250 42.97 -1.02 -19.05
C GLY A 250 44.29 -0.25 -19.01
N GLU A 251 44.35 0.80 -18.21
CA GLU A 251 45.55 1.61 -18.16
C GLU A 251 46.70 0.83 -17.53
N ASP A 252 46.41 -0.20 -16.72
CA ASP A 252 47.43 -1.11 -16.21
C ASP A 252 47.89 -2.08 -17.30
N PHE A 253 46.99 -2.47 -18.20
CA PHE A 253 47.43 -3.28 -19.34
C PHE A 253 48.29 -2.43 -20.27
N ASP A 254 47.91 -1.17 -20.47
CA ASP A 254 48.75 -0.24 -21.22
C ASP A 254 50.13 -0.14 -20.58
N ASN A 255 50.21 -0.09 -19.25
CA ASN A 255 51.51 0.09 -18.61
C ASN A 255 52.39 -1.13 -18.77
N ARG A 256 51.79 -2.30 -18.78
CA ARG A 256 52.57 -3.52 -19.03
C ARG A 256 53.16 -3.48 -20.42
N LEU A 257 52.36 -3.07 -21.40
CA LEU A 257 52.86 -2.89 -22.75
C LEU A 257 53.94 -1.81 -22.78
N VAL A 258 53.80 -0.75 -21.99
CA VAL A 258 54.81 0.33 -22.00
C VAL A 258 56.16 -0.22 -21.55
N ASN A 259 56.13 -1.08 -20.53
CA ASN A 259 57.35 -1.64 -19.96
C ASN A 259 58.00 -2.60 -20.95
N HIS A 260 57.16 -3.42 -21.58
CA HIS A 260 57.63 -4.30 -22.63
C HIS A 260 58.34 -3.50 -23.74
N PHE A 261 57.70 -2.45 -24.23
CA PHE A 261 58.26 -1.72 -25.37
C PHE A 261 59.43 -0.87 -25.03
N MET A 262 59.57 -0.44 -23.79
CA MET A 262 60.75 0.36 -23.42
C MET A 262 61.98 -0.55 -23.26
N GLU A 263 61.76 -1.76 -22.78
CA GLU A 263 62.79 -2.78 -22.82
C GLU A 263 63.13 -3.17 -24.28
N GLU A 264 62.14 -3.22 -25.18
CA GLU A 264 62.45 -3.48 -26.59
C GLU A 264 63.23 -2.30 -27.25
N PHE A 265 62.88 -1.06 -26.87
CA PHE A 265 63.55 0.10 -27.37
C PHE A 265 65.02 0.07 -26.90
N ARG A 266 65.24 -0.34 -25.66
CA ARG A 266 66.56 -0.48 -25.10
C ARG A 266 67.44 -1.45 -25.91
N ARG A 267 66.88 -2.60 -26.20
CA ARG A 267 67.58 -3.65 -26.93
C ARG A 267 67.80 -3.30 -28.42
N LYS A 268 66.85 -2.59 -29.01
CA LYS A 268 66.91 -2.29 -30.44
C LYS A 268 67.70 -1.04 -30.71
N HIS A 269 67.66 -0.07 -29.80
CA HIS A 269 68.20 1.24 -30.07
C HIS A 269 69.19 1.72 -28.98
N GLY A 270 69.37 0.92 -27.95
CA GLY A 270 70.45 1.11 -26.99
C GLY A 270 70.31 2.22 -25.98
N LYS A 271 69.08 2.68 -25.74
CA LYS A 271 68.84 3.77 -24.77
C LYS A 271 67.65 3.49 -23.87
N ASP A 272 67.76 3.99 -22.65
CA ASP A 272 66.74 3.86 -21.63
C ASP A 272 65.93 5.12 -21.72
N LEU A 273 64.64 5.02 -21.90
CA LEU A 273 63.86 6.23 -22.02
C LEU A 273 63.01 6.49 -20.76
N SER A 274 63.22 5.68 -19.71
CA SER A 274 62.42 5.74 -18.50
C SER A 274 62.49 7.03 -17.64
N GLY A 275 63.30 8.01 -18.05
CA GLY A 275 63.30 9.31 -17.39
C GLY A 275 62.82 10.44 -18.28
N ASN A 276 62.36 10.10 -19.49
CA ASN A 276 61.81 11.09 -20.39
C ASN A 276 60.30 10.87 -20.37
N LYS A 277 59.63 11.72 -19.59
CA LYS A 277 58.19 11.66 -19.42
C LYS A 277 57.44 11.73 -20.76
N ARG A 278 57.88 12.61 -21.63
CA ARG A 278 57.19 12.86 -22.91
C ARG A 278 57.24 11.61 -23.76
N ALA A 279 58.40 10.97 -23.80
CA ALA A 279 58.58 9.74 -24.56
C ALA A 279 57.73 8.60 -24.00
N LEU A 280 57.67 8.50 -22.68
CA LEU A 280 56.84 7.49 -22.04
C LEU A 280 55.33 7.71 -22.33
N ARG A 281 54.91 8.97 -22.37
CA ARG A 281 53.52 9.33 -22.70
C ARG A 281 53.19 9.04 -24.16
N ARG A 282 54.07 9.40 -25.09
CA ARG A 282 53.88 9.03 -26.50
CA ARG A 282 53.91 9.03 -26.51
C ARG A 282 53.81 7.52 -26.67
N LEU A 283 54.67 6.82 -25.96
CA LEU A 283 54.67 5.38 -26.03
C LEU A 283 53.34 4.83 -25.50
N ARG A 284 52.89 5.36 -24.37
CA ARG A 284 51.62 4.92 -23.73
C ARG A 284 50.42 5.02 -24.74
N THR A 285 50.28 6.17 -25.39
CA THR A 285 49.30 6.32 -26.47
C THR A 285 49.37 5.24 -27.56
N ALA A 286 50.57 4.96 -28.06
CA ALA A 286 50.73 3.95 -29.12
C ALA A 286 50.41 2.57 -28.53
N CYS A 287 50.76 2.35 -27.27
CA CYS A 287 50.40 1.09 -26.58
C CYS A 287 48.89 0.84 -26.48
N GLU A 288 48.12 1.84 -26.08
CA GLU A 288 46.66 1.73 -25.97
C GLU A 288 46.01 1.39 -27.31
N ARG A 289 46.44 2.06 -28.39
CA ARG A 289 45.99 1.71 -29.75
C ARG A 289 46.32 0.25 -30.09
N ALA A 290 47.58 -0.16 -29.91
CA ALA A 290 47.98 -1.56 -30.18
C ALA A 290 47.13 -2.54 -29.38
N LYS A 291 46.93 -2.26 -28.10
CA LYS A 291 46.06 -3.09 -27.26
C LYS A 291 44.67 -3.25 -27.85
N ARG A 292 44.05 -2.14 -28.28
CA ARG A 292 42.71 -2.21 -28.89
CA ARG A 292 42.71 -2.20 -28.88
C ARG A 292 42.72 -3.05 -30.14
N THR A 293 43.72 -2.88 -31.00
CA THR A 293 43.82 -3.72 -32.23
C THR A 293 43.93 -5.18 -31.90
N LEU A 294 44.66 -5.53 -30.85
CA LEU A 294 44.78 -6.96 -30.46
C LEU A 294 43.45 -7.60 -30.01
N SER A 295 42.42 -6.81 -29.75
CA SER A 295 41.11 -7.38 -29.44
C SER A 295 40.42 -8.00 -30.65
N SER A 296 40.76 -7.55 -31.86
CA SER A 296 40.20 -8.15 -33.07
C SER A 296 41.25 -8.68 -34.07
N SER A 297 42.54 -8.46 -33.85
CA SER A 297 43.59 -9.15 -34.62
C SER A 297 44.55 -9.88 -33.71
N THR A 298 45.31 -10.80 -34.29
CA THR A 298 46.32 -11.57 -33.54
C THR A 298 47.66 -10.85 -33.52
N GLN A 299 47.79 -9.77 -34.27
CA GLN A 299 49.06 -9.01 -34.36
C GLN A 299 48.75 -7.54 -34.43
N ALA A 300 49.65 -6.70 -33.93
CA ALA A 300 49.46 -5.25 -33.98
C ALA A 300 50.81 -4.58 -34.13
N THR A 301 50.88 -3.57 -34.99
CA THR A 301 52.07 -2.75 -35.12
C THR A 301 52.09 -1.61 -34.09
N LEU A 302 53.31 -1.14 -33.80
CA LEU A 302 53.54 0.00 -32.95
C LEU A 302 54.53 0.88 -33.73
N GLU A 303 54.12 2.12 -33.96
CA GLU A 303 54.79 3.05 -34.87
C GLU A 303 54.75 4.45 -34.28
N ILE A 304 55.94 4.99 -34.01
CA ILE A 304 56.09 6.28 -33.36
C ILE A 304 57.25 6.96 -34.04
N ASP A 305 57.04 8.13 -34.62
CA ASP A 305 58.14 8.91 -35.18
C ASP A 305 58.88 9.71 -34.09
N SER A 306 60.22 9.72 -34.11
CA SER A 306 60.98 10.58 -33.18
C SER A 306 60.64 10.35 -31.70
N LEU A 307 60.57 9.10 -31.27
CA LEU A 307 60.20 8.77 -29.89
C LEU A 307 61.18 9.34 -28.86
N PHE A 308 62.48 9.23 -29.16
CA PHE A 308 63.51 9.65 -28.24
C PHE A 308 64.79 10.03 -28.97
N GLU A 309 65.24 11.26 -28.75
CA GLU A 309 66.47 11.78 -29.38
C GLU A 309 66.42 11.62 -30.90
N GLY A 310 65.24 11.84 -31.48
CA GLY A 310 65.05 11.72 -32.92
C GLY A 310 65.02 10.31 -33.49
N VAL A 311 64.98 9.28 -32.65
CA VAL A 311 64.97 7.92 -33.14
C VAL A 311 63.54 7.40 -33.25
N ASP A 312 63.18 6.93 -34.44
CA ASP A 312 61.86 6.41 -34.67
C ASP A 312 61.75 5.02 -34.07
N PHE A 313 60.54 4.61 -33.70
CA PHE A 313 60.35 3.27 -33.15
C PHE A 313 59.22 2.59 -33.85
N TYR A 314 59.55 1.57 -34.66
CA TYR A 314 58.59 0.84 -35.48
C TYR A 314 58.73 -0.68 -35.28
N THR A 315 57.70 -1.29 -34.72
CA THR A 315 57.77 -2.68 -34.36
C THR A 315 56.33 -3.21 -34.31
N SER A 316 56.15 -4.37 -33.70
CA SER A 316 54.86 -5.05 -33.61
C SER A 316 54.85 -5.99 -32.42
N ILE A 317 53.69 -6.58 -32.12
CA ILE A 317 53.52 -7.49 -30.99
C ILE A 317 52.35 -8.41 -31.32
N THR A 318 52.44 -9.66 -30.84
CA THR A 318 51.39 -10.65 -31.05
C THR A 318 50.38 -10.53 -29.90
N ARG A 319 49.16 -11.02 -30.15
CA ARG A 319 48.17 -11.13 -29.08
C ARG A 319 48.72 -12.00 -27.96
N ALA A 320 49.27 -13.15 -28.35
CA ALA A 320 49.79 -14.15 -27.42
C ALA A 320 50.80 -13.56 -26.44
N ARG A 321 51.68 -12.71 -26.95
CA ARG A 321 52.63 -11.99 -26.12
C ARG A 321 51.97 -10.96 -25.17
N PHE A 322 51.01 -10.17 -25.68
CA PHE A 322 50.22 -9.30 -24.80
C PHE A 322 49.54 -10.13 -23.64
N GLU A 323 48.99 -11.28 -24.00
CA GLU A 323 48.32 -12.13 -23.01
C GLU A 323 49.29 -12.58 -21.91
N GLU A 324 50.52 -12.97 -22.28
CA GLU A 324 51.56 -13.29 -21.30
C GLU A 324 51.91 -12.11 -20.41
N LEU A 325 52.10 -10.95 -21.01
CA LEU A 325 52.48 -9.73 -20.29
C LEU A 325 51.47 -9.38 -19.19
N CYS A 326 50.18 -9.61 -19.43
CA CYS A 326 49.14 -9.25 -18.46
C CYS A 326 48.47 -10.42 -17.72
N SER A 327 48.97 -11.66 -17.90
CA SER A 327 48.26 -12.87 -17.43
C SER A 327 47.91 -12.85 -15.94
N ASP A 328 48.82 -12.36 -15.10
CA ASP A 328 48.56 -12.25 -13.67
C ASP A 328 47.43 -11.27 -13.40
N LEU A 329 47.40 -10.16 -14.14
CA LEU A 329 46.36 -9.15 -13.96
C LEU A 329 45.01 -9.72 -14.36
N PHE A 330 44.94 -10.30 -15.56
CA PHE A 330 43.70 -10.93 -16.02
C PHE A 330 43.19 -11.97 -15.01
N ARG A 331 44.06 -12.87 -14.60
CA ARG A 331 43.71 -13.93 -13.64
C ARG A 331 43.18 -13.34 -12.33
N SER A 332 43.75 -12.23 -11.88
CA SER A 332 43.34 -11.64 -10.63
C SER A 332 41.86 -11.17 -10.60
N THR A 333 41.25 -10.99 -11.77
CA THR A 333 39.89 -10.53 -11.82
C THR A 333 38.88 -11.57 -11.32
N LEU A 334 39.31 -12.82 -11.14
CA LEU A 334 38.39 -13.88 -10.75
C LEU A 334 38.19 -13.97 -9.22
N GLU A 335 39.14 -13.47 -8.43
CA GLU A 335 39.02 -13.52 -6.97
C GLU A 335 37.83 -12.66 -6.52
N PRO A 336 37.72 -11.44 -7.09
CA PRO A 336 36.56 -10.63 -6.71
C PRO A 336 35.22 -11.22 -7.13
N VAL A 337 35.19 -11.91 -8.26
CA VAL A 337 33.96 -12.53 -8.70
C VAL A 337 33.53 -13.53 -7.63
N GLU A 338 34.52 -14.27 -7.11
CA GLU A 338 34.29 -15.33 -6.13
C GLU A 338 33.87 -14.73 -4.77
N LYS A 339 34.56 -13.68 -4.35
CA LYS A 339 34.24 -12.98 -3.12
C LYS A 339 32.82 -12.38 -3.18
N ALA A 340 32.47 -11.77 -4.31
CA ALA A 340 31.17 -11.15 -4.48
C ALA A 340 30.05 -12.19 -4.36
N LEU A 341 30.21 -13.32 -5.05
CA LEU A 341 29.27 -14.43 -4.99
C LEU A 341 29.17 -14.92 -3.54
N ARG A 342 30.30 -15.03 -2.85
CA ARG A 342 30.33 -15.43 -1.44
C ARG A 342 29.55 -14.46 -0.57
N ASP A 343 29.82 -13.18 -0.72
CA ASP A 343 29.06 -12.13 -0.03
C ASP A 343 27.53 -12.14 -0.34
N ALA A 344 27.15 -12.43 -1.58
CA ALA A 344 25.73 -12.57 -1.97
C ALA A 344 25.11 -13.88 -1.51
N LYS A 345 25.92 -14.79 -0.99
CA LYS A 345 25.46 -16.13 -0.61
C LYS A 345 24.82 -16.89 -1.77
N LEU A 346 25.49 -16.84 -2.93
CA LEU A 346 25.06 -17.52 -4.15
C LEU A 346 26.17 -18.40 -4.74
N ASP A 347 25.77 -19.50 -5.36
CA ASP A 347 26.67 -20.30 -6.19
C ASP A 347 26.64 -19.74 -7.61
N LYS A 348 27.71 -19.90 -8.37
CA LYS A 348 27.74 -19.39 -9.76
C LYS A 348 26.62 -19.95 -10.64
N ALA A 349 26.19 -21.19 -10.38
CA ALA A 349 25.07 -21.80 -11.13
C ALA A 349 23.73 -21.11 -10.82
N GLN A 350 23.70 -20.27 -9.79
CA GLN A 350 22.50 -19.54 -9.43
C GLN A 350 22.45 -18.14 -10.06
N ILE A 351 23.46 -17.79 -10.86
CA ILE A 351 23.44 -16.54 -11.59
C ILE A 351 22.73 -16.80 -12.93
N HIS A 352 21.63 -16.10 -13.17
CA HIS A 352 20.89 -16.24 -14.43
C HIS A 352 21.61 -15.56 -15.58
N ASP A 353 22.21 -14.39 -15.32
CA ASP A 353 22.88 -13.58 -16.35
C ASP A 353 24.22 -13.01 -15.92
N VAL A 354 25.21 -13.15 -16.79
CA VAL A 354 26.49 -12.52 -16.59
C VAL A 354 26.64 -11.50 -17.72
N VAL A 355 26.94 -10.25 -17.37
CA VAL A 355 26.98 -9.16 -18.32
C VAL A 355 28.39 -8.55 -18.36
N LEU A 356 28.94 -8.43 -19.56
CA LEU A 356 30.24 -7.78 -19.75
C LEU A 356 30.13 -6.26 -19.91
N VAL A 357 30.83 -5.54 -19.02
CA VAL A 357 30.80 -4.07 -19.01
C VAL A 357 32.23 -3.61 -18.92
N GLY A 358 32.52 -2.48 -19.57
CA GLY A 358 33.86 -1.93 -19.58
C GLY A 358 34.63 -2.32 -20.82
N GLY A 359 35.38 -1.38 -21.34
CA GLY A 359 36.12 -1.56 -22.58
C GLY A 359 37.13 -2.67 -22.52
N SER A 360 37.66 -2.96 -21.34
CA SER A 360 38.63 -4.06 -21.17
C SER A 360 38.01 -5.47 -21.30
N THR A 361 36.70 -5.60 -21.20
CA THR A 361 36.04 -6.90 -21.39
C THR A 361 35.91 -7.24 -22.87
N ARG A 362 36.40 -6.36 -23.75
CA ARG A 362 36.51 -6.70 -25.17
C ARG A 362 37.77 -7.50 -25.47
N ILE A 363 38.65 -7.65 -24.48
CA ILE A 363 39.86 -8.44 -24.62
C ILE A 363 39.43 -9.92 -24.65
N PRO A 364 39.73 -10.63 -25.76
CA PRO A 364 39.24 -12.00 -25.87
C PRO A 364 39.63 -12.92 -24.72
N LYS A 365 40.87 -12.80 -24.24
CA LYS A 365 41.32 -13.59 -23.12
C LYS A 365 40.56 -13.33 -21.83
N VAL A 366 40.12 -12.09 -21.59
CA VAL A 366 39.32 -11.79 -20.40
C VAL A 366 37.96 -12.49 -20.46
N GLN A 367 37.35 -12.49 -21.64
CA GLN A 367 36.09 -13.20 -21.86
C GLN A 367 36.22 -14.72 -21.68
N LYS A 368 37.31 -15.29 -22.21
CA LYS A 368 37.56 -16.73 -22.07
C LYS A 368 37.72 -17.04 -20.59
N LEU A 369 38.48 -16.23 -19.86
CA LEU A 369 38.70 -16.50 -18.44
C LEU A 369 37.39 -16.47 -17.65
N LEU A 370 36.53 -15.49 -17.92
CA LEU A 370 35.26 -15.38 -17.20
C LEU A 370 34.31 -16.54 -17.55
N GLN A 371 34.25 -16.89 -18.84
CA GLN A 371 33.38 -17.95 -19.31
C GLN A 371 33.78 -19.32 -18.76
N ASP A 372 35.08 -19.61 -18.74
CA ASP A 372 35.59 -20.87 -18.18
C ASP A 372 35.28 -20.93 -16.70
N PHE A 373 35.51 -19.83 -15.98
CA PHE A 373 35.07 -19.71 -14.59
C PHE A 373 33.58 -20.05 -14.40
N PHE A 374 32.73 -19.59 -15.31
CA PHE A 374 31.30 -19.92 -15.23
C PHE A 374 30.97 -21.23 -15.97
N ASN A 375 31.95 -22.13 -16.04
CA ASN A 375 31.76 -23.47 -16.64
C ASN A 375 31.11 -23.40 -18.01
N GLY A 376 31.54 -22.43 -18.83
CA GLY A 376 31.09 -22.31 -20.23
C GLY A 376 29.83 -21.49 -20.49
N LYS A 377 29.28 -20.86 -19.46
CA LYS A 377 28.07 -20.05 -19.63
C LYS A 377 28.31 -18.93 -20.67
N GLU A 378 27.33 -18.72 -21.53
CA GLU A 378 27.36 -17.61 -22.46
C GLU A 378 27.23 -16.26 -21.75
N LEU A 379 28.02 -15.29 -22.19
CA LEU A 379 28.10 -13.99 -21.58
C LEU A 379 27.25 -13.01 -22.36
N ASN A 380 26.58 -12.09 -21.67
CA ASN A 380 25.91 -11.00 -22.36
C ASN A 380 26.92 -9.94 -22.77
N LYS A 381 27.13 -9.84 -24.07
CA LYS A 381 28.14 -8.93 -24.63
C LYS A 381 27.77 -8.41 -26.01
N SER A 382 26.52 -8.56 -26.44
CA SER A 382 26.08 -8.06 -27.74
C SER A 382 26.11 -6.54 -27.78
N ILE A 383 25.86 -5.89 -26.64
CA ILE A 383 26.06 -4.43 -26.56
C ILE A 383 27.53 -4.18 -26.21
N ASN A 384 28.19 -3.31 -27.00
CA ASN A 384 29.58 -2.94 -26.79
C ASN A 384 29.80 -2.62 -25.32
N PRO A 385 30.71 -3.33 -24.68
CA PRO A 385 30.75 -3.20 -23.23
C PRO A 385 31.08 -1.78 -22.72
N ASP A 386 31.85 -1.02 -23.50
CA ASP A 386 32.16 0.34 -23.14
C ASP A 386 31.00 1.32 -23.30
N GLU A 387 29.90 0.85 -23.90
CA GLU A 387 28.71 1.70 -24.21
C GLU A 387 27.46 1.25 -23.42
N ALA A 388 27.53 0.09 -22.79
CA ALA A 388 26.38 -0.52 -22.12
C ALA A 388 25.80 0.31 -21.00
N VAL A 389 26.64 0.98 -20.24
CA VAL A 389 26.18 1.84 -19.16
C VAL A 389 25.41 3.05 -19.71
N ALA A 390 25.96 3.75 -20.69
CA ALA A 390 25.26 4.88 -21.36
C ALA A 390 23.94 4.42 -22.00
N TYR A 391 23.96 3.21 -22.54
CA TYR A 391 22.80 2.63 -23.22
C TYR A 391 21.64 2.45 -22.24
N GLY A 392 21.92 1.84 -21.09
CA GLY A 392 20.88 1.68 -20.06
C GLY A 392 20.40 3.00 -19.49
N ALA A 393 21.32 3.93 -19.29
CA ALA A 393 20.95 5.27 -18.85
C ALA A 393 20.03 5.96 -19.86
N ALA A 394 20.26 5.70 -21.14
CA ALA A 394 19.43 6.30 -22.18
C ALA A 394 17.98 5.73 -22.09
N VAL A 395 17.88 4.42 -21.85
CA VAL A 395 16.58 3.80 -21.71
C VAL A 395 15.88 4.41 -20.48
N GLN A 396 16.59 4.41 -19.37
CA GLN A 396 16.05 4.93 -18.14
C GLN A 396 15.61 6.40 -18.28
N ALA A 397 16.39 7.21 -19.01
CA ALA A 397 15.99 8.60 -19.21
C ALA A 397 14.66 8.65 -19.96
N ALA A 398 14.51 7.78 -20.95
CA ALA A 398 13.27 7.75 -21.73
C ALA A 398 12.06 7.33 -20.84
N VAL A 399 12.27 6.34 -19.98
CA VAL A 399 11.24 5.90 -19.03
C VAL A 399 10.74 7.06 -18.16
N LEU A 400 11.68 7.83 -17.62
CA LEU A 400 11.40 8.95 -16.74
C LEU A 400 10.85 10.17 -17.44
N MET A 401 11.15 10.34 -18.74
CA MET A 401 10.46 11.38 -19.54
C MET A 401 9.00 11.00 -19.89
N GLY A 402 8.66 9.73 -19.78
CA GLY A 402 7.37 9.21 -20.23
C GLY A 402 6.22 9.49 -19.28
N ASP A 403 5.09 8.85 -19.55
CA ASP A 403 3.88 9.13 -18.77
C ASP A 403 3.78 8.16 -17.59
N ASN B 17 21.05 7.44 8.12
CA ASN B 17 21.52 6.45 7.11
C ASN B 17 20.88 5.07 7.30
N LEU B 18 21.24 4.34 8.37
CA LEU B 18 20.98 2.91 8.43
C LEU B 18 19.51 2.52 8.27
N TYR B 19 18.58 3.27 8.88
CA TYR B 19 17.16 2.95 8.69
C TYR B 19 16.73 3.01 7.20
N PHE B 20 16.94 4.17 6.57
CA PHE B 20 16.67 4.39 5.13
C PHE B 20 17.42 3.36 4.30
N GLN B 21 18.71 3.23 4.57
CA GLN B 21 19.56 2.34 3.79
C GLN B 21 19.10 0.88 3.80
N SER B 22 18.56 0.40 4.91
CA SER B 22 18.44 -1.06 5.06
C SER B 22 17.05 -1.63 5.42
N MET B 23 16.20 -0.86 6.12
CA MET B 23 14.91 -1.39 6.59
C MET B 23 13.64 -0.69 6.03
N GLU B 24 13.75 0.60 5.75
CA GLU B 24 12.61 1.40 5.33
C GLU B 24 11.92 0.82 4.10
N LEU B 25 10.60 0.81 4.14
CA LEU B 25 9.80 0.51 2.96
C LEU B 25 8.99 1.75 2.60
N ALA B 26 8.98 2.09 1.31
CA ALA B 26 8.15 3.16 0.75
C ALA B 26 6.76 2.63 0.46
N VAL B 27 5.77 3.52 0.47
CA VAL B 27 4.39 3.12 0.16
C VAL B 27 3.85 3.75 -1.10
N GLY B 28 2.80 3.11 -1.64
CA GLY B 28 2.02 3.65 -2.73
C GLY B 28 0.69 4.15 -2.21
N ILE B 29 0.37 5.41 -2.51
CA ILE B 29 -0.94 5.96 -2.13
C ILE B 29 -1.76 6.43 -3.31
N ASP B 30 -2.97 5.87 -3.41
CA ASP B 30 -4.02 6.34 -4.32
C ASP B 30 -4.85 7.36 -3.52
N LEU B 31 -4.61 8.63 -3.78
CA LEU B 31 -5.39 9.71 -3.20
C LEU B 31 -6.55 9.98 -4.17
N GLY B 32 -7.66 9.33 -3.88
CA GLY B 32 -8.80 9.37 -4.78
C GLY B 32 -9.83 10.45 -4.49
N THR B 33 -10.62 10.74 -5.50
CA THR B 33 -11.70 11.71 -5.36
C THR B 33 -12.64 11.31 -4.23
N THR B 34 -13.06 10.05 -4.20
CA THR B 34 -14.02 9.59 -3.19
C THR B 34 -13.45 8.56 -2.23
N TYR B 35 -12.59 7.64 -2.72
CA TYR B 35 -11.92 6.67 -1.83
C TYR B 35 -10.43 6.62 -2.13
N SER B 36 -9.63 6.60 -1.06
CA SER B 36 -8.21 6.48 -1.14
C SER B 36 -7.76 5.09 -0.62
N CYS B 37 -6.53 4.71 -0.92
CA CYS B 37 -6.03 3.36 -0.73
C CYS B 37 -4.50 3.39 -0.56
N VAL B 38 -3.96 2.62 0.38
CA VAL B 38 -2.49 2.56 0.57
C VAL B 38 -1.98 1.11 0.49
N GLY B 39 -0.89 0.93 -0.26
CA GLY B 39 -0.24 -0.37 -0.35
C GLY B 39 1.26 -0.34 -0.14
N VAL B 40 1.82 -1.50 0.14
CA VAL B 40 3.24 -1.64 0.31
C VAL B 40 3.75 -2.96 -0.25
N PHE B 41 4.86 -2.89 -0.98
CA PHE B 41 5.54 -4.06 -1.55
C PHE B 41 6.55 -4.60 -0.54
N GLN B 42 6.26 -5.75 0.06
CA GLN B 42 7.11 -6.35 1.10
C GLN B 42 7.19 -7.85 0.87
N GLN B 43 8.42 -8.35 0.81
CA GLN B 43 8.69 -9.80 0.76
C GLN B 43 8.03 -10.42 -0.46
N GLY B 44 8.32 -9.87 -1.64
CA GLY B 44 7.76 -10.36 -2.91
C GLY B 44 6.35 -9.87 -3.24
N ARG B 45 5.46 -9.81 -2.24
CA ARG B 45 4.04 -9.47 -2.45
C ARG B 45 3.62 -8.02 -2.13
N VAL B 46 2.58 -7.53 -2.79
CA VAL B 46 2.02 -6.24 -2.45
C VAL B 46 0.92 -6.47 -1.43
N GLU B 47 0.93 -5.71 -0.35
CA GLU B 47 -0.14 -5.75 0.62
C GLU B 47 -0.93 -4.45 0.56
N ILE B 48 -2.26 -4.58 0.47
CA ILE B 48 -3.16 -3.44 0.55
C ILE B 48 -3.62 -3.36 2.00
N LEU B 49 -3.49 -2.17 2.61
CA LEU B 49 -3.65 -2.08 4.05
C LEU B 49 -5.08 -1.66 4.44
N ALA B 50 -5.61 -2.37 5.44
CA ALA B 50 -6.93 -2.17 5.98
C ALA B 50 -6.88 -0.99 6.96
N ASN B 51 -7.97 -0.27 7.08
CA ASN B 51 -7.98 0.93 7.92
C ASN B 51 -8.53 0.71 9.33
N ASP B 52 -8.93 1.79 9.97
CA ASP B 52 -9.42 1.76 11.34
C ASP B 52 -10.71 0.94 11.46
N GLN B 53 -11.48 0.82 10.38
CA GLN B 53 -12.68 -0.01 10.41
C GLN B 53 -12.52 -1.32 9.60
N GLY B 54 -11.27 -1.71 9.35
CA GLY B 54 -11.00 -2.93 8.63
C GLY B 54 -11.24 -2.88 7.13
N ASN B 55 -11.37 -1.69 6.55
CA ASN B 55 -11.63 -1.53 5.11
C ASN B 55 -10.34 -1.24 4.34
N ARG B 56 -10.26 -1.79 3.14
CA ARG B 56 -9.03 -1.70 2.34
C ARG B 56 -9.04 -0.48 1.47
N THR B 57 -10.17 0.21 1.44
CA THR B 57 -10.20 1.58 0.93
C THR B 57 -10.87 2.50 1.96
N THR B 58 -10.53 3.80 1.89
CA THR B 58 -10.90 4.77 2.90
C THR B 58 -11.54 5.96 2.23
N PRO B 59 -12.77 6.35 2.64
CA PRO B 59 -13.42 7.54 2.08
C PRO B 59 -12.57 8.78 2.19
N SER B 60 -12.46 9.55 1.11
CA SER B 60 -11.70 10.80 1.15
C SER B 60 -12.52 11.93 1.82
N TYR B 61 -12.76 11.78 3.12
CA TYR B 61 -13.66 12.61 3.88
C TYR B 61 -12.98 13.07 5.14
N VAL B 62 -13.20 14.32 5.52
CA VAL B 62 -12.72 14.85 6.79
C VAL B 62 -13.86 15.60 7.47
N ALA B 63 -14.13 15.25 8.73
CA ALA B 63 -15.23 15.86 9.50
C ALA B 63 -14.69 16.63 10.69
N PHE B 64 -15.19 17.84 10.88
CA PHE B 64 -14.81 18.65 12.02
C PHE B 64 -16.02 18.77 12.89
N THR B 65 -15.84 18.44 14.17
CA THR B 65 -16.90 18.47 15.16
C THR B 65 -16.47 19.38 16.32
N ASP B 66 -17.28 19.41 17.37
CA ASP B 66 -16.93 20.12 18.61
C ASP B 66 -15.65 19.60 19.24
N THR B 67 -15.43 18.30 19.14
CA THR B 67 -14.32 17.65 19.85
C THR B 67 -13.29 16.93 18.95
N GLU B 68 -13.65 16.59 17.72
CA GLU B 68 -12.78 15.71 16.92
C GLU B 68 -12.63 16.18 15.48
N ARG B 69 -11.47 15.85 14.91
CA ARG B 69 -11.30 15.86 13.48
C ARG B 69 -11.25 14.38 13.03
N LEU B 70 -12.34 13.92 12.42
CA LEU B 70 -12.44 12.52 12.00
C LEU B 70 -12.03 12.47 10.53
N VAL B 71 -11.52 11.33 10.08
CA VAL B 71 -11.02 11.15 8.72
C VAL B 71 -11.40 9.75 8.23
N GLY B 72 -11.93 9.68 7.02
CA GLY B 72 -12.36 8.42 6.45
C GLY B 72 -13.77 7.97 6.83
N ASP B 73 -13.88 6.70 7.22
CA ASP B 73 -15.17 6.05 7.42
C ASP B 73 -16.03 6.74 8.49
N ALA B 74 -15.41 7.13 9.60
CA ALA B 74 -16.15 7.84 10.64
C ALA B 74 -16.56 9.26 10.21
N ALA B 75 -15.79 9.88 9.32
CA ALA B 75 -16.17 11.16 8.74
C ALA B 75 -17.42 10.99 7.86
N LYS B 76 -17.36 10.02 6.95
CA LYS B 76 -18.47 9.79 6.05
C LYS B 76 -19.71 9.40 6.85
N SER B 77 -19.48 8.70 7.93
CA SER B 77 -20.55 8.16 8.73
C SER B 77 -21.46 9.19 9.39
N GLN B 78 -20.91 10.32 9.80
CA GLN B 78 -21.68 11.33 10.53
C GLN B 78 -22.03 12.52 9.64
N ALA B 79 -21.79 12.39 8.33
CA ALA B 79 -22.15 13.43 7.38
C ALA B 79 -23.64 13.80 7.46
N ALA B 80 -24.51 12.81 7.71
CA ALA B 80 -25.95 13.06 7.82
C ALA B 80 -26.31 14.01 8.98
N LEU B 81 -25.55 13.91 10.07
CA LEU B 81 -25.80 14.76 11.24
C LEU B 81 -25.03 16.08 11.24
N ASN B 82 -24.03 16.22 10.37
CA ASN B 82 -23.06 17.31 10.43
C ASN B 82 -22.63 17.68 9.01
N PRO B 83 -23.60 17.98 8.16
CA PRO B 83 -23.29 18.14 6.74
C PRO B 83 -22.43 19.35 6.36
N HIS B 84 -22.48 20.40 7.16
CA HIS B 84 -21.81 21.65 6.82
C HIS B 84 -20.32 21.59 7.13
N ASN B 85 -19.95 20.77 8.11
CA ASN B 85 -18.57 20.65 8.57
C ASN B 85 -17.88 19.34 8.17
N THR B 86 -18.44 18.67 7.18
CA THR B 86 -17.88 17.41 6.71
C THR B 86 -17.52 17.58 5.25
N VAL B 87 -16.20 17.61 5.02
CA VAL B 87 -15.64 18.01 3.75
C VAL B 87 -15.23 16.80 2.96
N PHE B 88 -15.44 16.86 1.65
CA PHE B 88 -15.12 15.75 0.72
C PHE B 88 -14.88 16.38 -0.64
N ASP B 89 -14.53 15.59 -1.64
CA ASP B 89 -14.29 16.13 -2.98
C ASP B 89 -13.18 17.19 -3.04
N ALA B 90 -12.25 17.24 -2.10
CA ALA B 90 -11.13 18.20 -2.18
C ALA B 90 -10.32 18.05 -3.47
N LYS B 91 -10.30 16.85 -4.04
CA LYS B 91 -9.57 16.62 -5.27
C LYS B 91 -10.12 17.48 -6.44
N ARG B 92 -11.40 17.86 -6.37
CA ARG B 92 -12.01 18.71 -7.39
C ARG B 92 -11.58 20.19 -7.27
N LEU B 93 -11.02 20.56 -6.10
CA LEU B 93 -10.55 21.91 -5.82
C LEU B 93 -9.02 22.05 -5.90
N ILE B 94 -8.29 20.95 -5.76
CA ILE B 94 -6.86 21.03 -5.55
C ILE B 94 -6.15 21.54 -6.81
N GLY B 95 -5.22 22.45 -6.62
CA GLY B 95 -4.53 23.16 -7.69
C GLY B 95 -5.38 23.98 -8.66
N ARG B 96 -6.61 24.31 -8.28
CA ARG B 96 -7.47 25.16 -9.13
C ARG B 96 -7.65 26.59 -8.56
N LYS B 97 -8.20 27.48 -9.38
CA LYS B 97 -8.58 28.81 -8.93
C LYS B 97 -10.06 28.79 -8.50
N PHE B 98 -10.38 29.56 -7.48
CA PHE B 98 -11.77 29.77 -7.04
C PHE B 98 -12.65 30.19 -8.22
N ALA B 99 -12.11 31.01 -9.10
CA ALA B 99 -12.84 31.55 -10.24
C ALA B 99 -13.07 30.54 -11.35
N ASP B 100 -12.39 29.39 -11.34
CA ASP B 100 -12.64 28.34 -12.35
C ASP B 100 -14.11 28.05 -12.44
N THR B 101 -14.58 27.91 -13.68
CA THR B 101 -15.99 27.64 -13.96
C THR B 101 -16.43 26.31 -13.32
N THR B 102 -15.51 25.34 -13.31
CA THR B 102 -15.80 24.03 -12.74
C THR B 102 -15.96 24.10 -11.22
N VAL B 103 -15.13 24.92 -10.58
CA VAL B 103 -15.19 25.11 -9.14
C VAL B 103 -16.51 25.79 -8.76
N GLN B 104 -16.85 26.85 -9.48
CA GLN B 104 -18.10 27.56 -9.22
C GLN B 104 -19.33 26.65 -9.45
N SER B 105 -19.31 25.88 -10.52
CA SER B 105 -20.34 24.84 -10.76
C SER B 105 -20.46 23.84 -9.59
N ASP B 106 -19.35 23.15 -9.23
CA ASP B 106 -19.38 22.14 -8.14
C ASP B 106 -19.83 22.72 -6.81
N MET B 107 -19.46 23.97 -6.53
CA MET B 107 -19.80 24.61 -5.27
C MET B 107 -21.30 24.58 -4.95
N LYS B 108 -22.12 24.67 -5.99
CA LYS B 108 -23.58 24.77 -5.81
C LYS B 108 -24.20 23.48 -5.30
N HIS B 109 -23.42 22.40 -5.27
CA HIS B 109 -23.91 21.10 -4.84
C HIS B 109 -23.15 20.51 -3.65
N TRP B 110 -22.34 21.33 -2.98
CA TRP B 110 -21.69 20.87 -1.77
C TRP B 110 -22.40 21.47 -0.59
N PRO B 111 -22.54 20.70 0.49
CA PRO B 111 -23.12 21.21 1.71
C PRO B 111 -22.12 22.00 2.60
N PHE B 112 -20.86 22.11 2.18
CA PHE B 112 -19.89 22.93 2.90
C PHE B 112 -19.58 24.20 2.09
N ARG B 113 -19.05 25.20 2.80
CA ARG B 113 -18.77 26.50 2.21
C ARG B 113 -17.36 26.57 1.62
N VAL B 114 -17.27 27.13 0.43
CA VAL B 114 -15.99 27.42 -0.19
C VAL B 114 -15.88 28.95 -0.31
N VAL B 115 -14.74 29.48 0.14
CA VAL B 115 -14.44 30.91 0.03
C VAL B 115 -13.13 31.09 -0.73
N SER B 116 -12.80 32.35 -1.01
CA SER B 116 -11.61 32.73 -1.78
C SER B 116 -10.57 33.36 -0.86
N GLU B 117 -9.31 33.06 -1.12
CA GLU B 117 -8.18 33.68 -0.42
C GLU B 117 -7.03 33.76 -1.43
N GLY B 118 -6.79 34.96 -1.95
CA GLY B 118 -5.79 35.17 -2.97
C GLY B 118 -6.17 34.52 -4.29
N GLY B 119 -7.47 34.43 -4.56
CA GLY B 119 -7.96 33.72 -5.74
C GLY B 119 -7.88 32.20 -5.68
N LYS B 120 -7.46 31.66 -4.54
CA LYS B 120 -7.48 30.19 -4.32
C LYS B 120 -8.72 29.80 -3.51
N PRO B 121 -9.31 28.63 -3.80
CA PRO B 121 -10.44 28.21 -2.98
C PRO B 121 -9.98 27.66 -1.63
N LYS B 122 -10.79 27.90 -0.61
CA LYS B 122 -10.61 27.30 0.71
C LYS B 122 -11.97 26.87 1.21
N VAL B 123 -12.03 25.74 1.93
CA VAL B 123 -13.28 25.28 2.52
C VAL B 123 -13.41 25.97 3.88
N ARG B 124 -14.63 26.27 4.29
CA ARG B 124 -14.89 26.96 5.55
C ARG B 124 -15.82 26.15 6.44
N VAL B 125 -15.32 25.79 7.62
CA VAL B 125 -16.03 24.92 8.51
C VAL B 125 -15.93 25.45 9.93
N CYS B 126 -16.65 24.79 10.82
CA CYS B 126 -16.66 25.07 12.23
C CYS B 126 -16.02 23.91 12.96
N TYR B 127 -14.91 24.17 13.64
CA TYR B 127 -14.13 23.12 14.32
C TYR B 127 -13.85 23.56 15.75
N ARG B 128 -14.30 22.77 16.71
CA ARG B 128 -14.15 23.13 18.13
C ARG B 128 -14.69 24.55 18.40
N GLY B 129 -15.88 24.82 17.88
CA GLY B 129 -16.56 26.10 18.06
C GLY B 129 -16.01 27.29 17.30
N GLU B 130 -14.94 27.12 16.51
CA GLU B 130 -14.38 28.26 15.78
C GLU B 130 -14.46 28.15 14.26
N ASP B 131 -14.43 29.31 13.63
CA ASP B 131 -14.54 29.48 12.20
C ASP B 131 -13.14 29.28 11.61
N LYS B 132 -12.98 28.21 10.81
CA LYS B 132 -11.70 27.84 10.24
C LYS B 132 -11.81 27.70 8.75
N THR B 133 -10.73 28.02 8.05
CA THR B 133 -10.63 27.80 6.62
C THR B 133 -9.44 26.88 6.33
N PHE B 134 -9.55 26.02 5.31
CA PHE B 134 -8.46 25.11 4.95
C PHE B 134 -8.28 25.09 3.46
N TYR B 135 -7.03 25.10 3.00
CA TYR B 135 -6.77 24.87 1.58
C TYR B 135 -7.11 23.42 1.22
N PRO B 136 -7.35 23.13 -0.07
CA PRO B 136 -7.51 21.76 -0.57
C PRO B 136 -6.32 20.86 -0.28
N GLU B 137 -5.11 21.39 -0.37
CA GLU B 137 -3.95 20.56 -0.07
C GLU B 137 -3.92 20.20 1.40
N GLU B 138 -4.51 21.02 2.26
CA GLU B 138 -4.53 20.73 3.68
C GLU B 138 -5.54 19.61 4.00
N ILE B 139 -6.68 19.60 3.31
CA ILE B 139 -7.67 18.55 3.47
C ILE B 139 -7.08 17.24 2.95
N SER B 140 -6.51 17.29 1.77
CA SER B 140 -5.84 16.15 1.21
C SER B 140 -4.68 15.67 2.09
N SER B 141 -3.98 16.58 2.76
CA SER B 141 -2.84 16.19 3.61
C SER B 141 -3.34 15.41 4.81
N MET B 142 -4.58 15.66 5.23
CA MET B 142 -5.16 14.94 6.37
C MET B 142 -5.48 13.49 5.98
N VAL B 143 -5.92 13.31 4.74
CA VAL B 143 -6.20 11.98 4.21
C VAL B 143 -4.88 11.20 4.03
N LEU B 144 -3.91 11.85 3.38
CA LEU B 144 -2.57 11.26 3.21
C LEU B 144 -1.90 10.90 4.55
N SER B 145 -1.97 11.81 5.50
CA SER B 145 -1.48 11.54 6.84
C SER B 145 -2.09 10.27 7.45
N LYS B 146 -3.39 10.09 7.32
CA LYS B 146 -4.06 8.89 7.79
C LYS B 146 -3.52 7.65 7.04
N MET B 147 -3.30 7.77 5.75
CA MET B 147 -2.79 6.65 4.97
C MET B 147 -1.36 6.26 5.45
N LYS B 148 -0.56 7.27 5.72
CA LYS B 148 0.80 7.10 6.24
C LYS B 148 0.82 6.35 7.57
N GLU B 149 -0.01 6.79 8.51
CA GLU B 149 -0.06 6.18 9.84
C GLU B 149 -0.68 4.80 9.81
N THR B 150 -1.65 4.59 8.93
CA THR B 150 -2.22 3.25 8.66
C THR B 150 -1.10 2.27 8.29
N ALA B 151 -0.24 2.68 7.38
CA ALA B 151 0.91 1.88 6.96
C ALA B 151 1.90 1.66 8.11
N GLU B 152 2.15 2.70 8.89
CA GLU B 152 3.11 2.62 10.02
C GLU B 152 2.63 1.64 11.10
N ALA B 153 1.39 1.80 11.54
CA ALA B 153 0.74 0.85 12.47
C ALA B 153 0.97 -0.59 12.02
N TYR B 154 0.77 -0.84 10.73
CA TYR B 154 0.85 -2.20 10.19
C TYR B 154 2.30 -2.67 10.08
N LEU B 155 3.17 -1.86 9.49
CA LEU B 155 4.56 -2.25 9.31
C LEU B 155 5.35 -2.25 10.60
N GLY B 156 4.94 -1.46 11.58
CA GLY B 156 5.69 -1.37 12.82
C GLY B 156 6.95 -0.52 12.69
N GLN B 157 7.00 0.32 11.64
CA GLN B 157 8.15 1.18 11.42
C GLN B 157 7.75 2.49 10.74
N PRO B 158 8.65 3.49 10.73
CA PRO B 158 8.25 4.74 10.09
C PRO B 158 8.08 4.64 8.57
N VAL B 159 7.12 5.39 8.04
CA VAL B 159 6.91 5.54 6.62
C VAL B 159 7.12 7.01 6.23
N LYS B 160 8.17 7.26 5.45
CA LYS B 160 8.60 8.60 5.11
C LYS B 160 8.59 8.88 3.62
N HIS B 161 8.55 7.84 2.80
CA HIS B 161 8.58 8.03 1.37
C HIS B 161 7.33 7.41 0.74
N ALA B 162 6.80 8.08 -0.27
CA ALA B 162 5.64 7.56 -1.01
C ALA B 162 5.64 7.92 -2.48
N VAL B 163 5.06 7.04 -3.28
CA VAL B 163 4.47 7.42 -4.56
C VAL B 163 2.98 7.77 -4.36
N ILE B 164 2.58 8.93 -4.90
CA ILE B 164 1.17 9.33 -4.93
C ILE B 164 0.72 9.47 -6.39
N THR B 165 -0.51 9.04 -6.66
CA THR B 165 -1.02 8.97 -8.02
C THR B 165 -1.97 10.13 -8.27
N VAL B 166 -2.08 10.55 -9.52
CA VAL B 166 -3.00 11.59 -9.97
C VAL B 166 -3.62 11.15 -11.30
N PRO B 167 -4.79 11.71 -11.63
CA PRO B 167 -5.34 11.45 -12.98
C PRO B 167 -4.40 11.98 -14.09
N ALA B 168 -4.38 11.35 -15.27
CA ALA B 168 -3.47 11.73 -16.35
C ALA B 168 -3.67 13.16 -16.86
N TYR B 169 -4.90 13.65 -16.74
CA TYR B 169 -5.24 14.99 -17.23
C TYR B 169 -4.85 16.06 -16.25
N PHE B 170 -4.40 15.70 -15.05
CA PHE B 170 -3.97 16.72 -14.08
C PHE B 170 -2.83 17.57 -14.65
N ASN B 171 -2.94 18.89 -14.50
CA ASN B 171 -1.90 19.81 -14.98
C ASN B 171 -0.85 19.97 -13.91
N ASP B 172 0.15 20.80 -14.19
CA ASP B 172 1.28 20.93 -13.26
C ASP B 172 0.87 21.55 -11.94
N SER B 173 -0.08 22.46 -12.01
CA SER B 173 -0.54 23.11 -10.79
C SER B 173 -1.18 22.09 -9.82
N GLN B 174 -1.98 21.18 -10.38
CA GLN B 174 -2.68 20.14 -9.63
C GLN B 174 -1.69 19.07 -9.13
N ARG B 175 -0.75 18.69 -9.99
CA ARG B 175 0.35 17.82 -9.60
C ARG B 175 1.19 18.41 -8.46
N GLN B 176 1.56 19.68 -8.56
CA GLN B 176 2.31 20.34 -7.51
C GLN B 176 1.54 20.45 -6.19
N ALA B 177 0.26 20.81 -6.26
CA ALA B 177 -0.56 20.94 -5.06
C ALA B 177 -0.71 19.57 -4.38
N THR B 178 -0.75 18.49 -5.16
CA THR B 178 -0.80 17.12 -4.60
C THR B 178 0.52 16.75 -3.87
N LYS B 179 1.65 17.09 -4.48
CA LYS B 179 2.95 16.90 -3.86
C LYS B 179 3.11 17.75 -2.60
N ASP B 180 2.59 18.97 -2.59
CA ASP B 180 2.57 19.75 -1.34
C ASP B 180 1.68 19.09 -0.29
N ALA B 181 0.51 18.61 -0.70
CA ALA B 181 -0.30 17.80 0.22
C ALA B 181 0.55 16.70 0.90
N GLY B 182 1.37 15.98 0.12
CA GLY B 182 2.26 14.95 0.68
C GLY B 182 3.28 15.51 1.66
N ALA B 183 3.91 16.64 1.27
CA ALA B 183 4.87 17.34 2.13
C ALA B 183 4.28 17.76 3.48
N ILE B 184 3.06 18.29 3.47
CA ILE B 184 2.42 18.71 4.74
C ILE B 184 2.16 17.52 5.67
N ALA B 185 1.85 16.38 5.05
CA ALA B 185 1.62 15.12 5.76
C ALA B 185 2.91 14.47 6.23
N GLY B 186 4.07 15.06 5.96
CA GLY B 186 5.32 14.47 6.41
C GLY B 186 5.86 13.38 5.48
N LEU B 187 5.44 13.40 4.21
CA LEU B 187 5.90 12.42 3.26
C LEU B 187 6.83 13.08 2.28
N ASN B 188 7.94 12.42 2.03
CA ASN B 188 8.82 12.74 0.91
CA ASN B 188 8.81 12.73 0.90
C ASN B 188 8.25 12.04 -0.31
N VAL B 189 7.84 12.80 -1.32
CA VAL B 189 7.16 12.24 -2.47
C VAL B 189 8.19 11.75 -3.48
N LEU B 190 8.32 10.44 -3.64
CA LEU B 190 9.31 9.89 -4.57
C LEU B 190 8.98 10.30 -5.99
N ARG B 191 7.68 10.33 -6.30
CA ARG B 191 7.21 10.65 -7.63
C ARG B 191 5.69 10.74 -7.64
N ILE B 192 5.17 11.67 -8.43
CA ILE B 192 3.74 11.67 -8.78
C ILE B 192 3.57 10.87 -10.06
N ILE B 193 2.80 9.79 -10.05
CA ILE B 193 2.57 9.05 -11.30
C ILE B 193 1.11 9.06 -11.67
N ASN B 194 0.83 8.82 -12.96
CA ASN B 194 -0.54 8.78 -13.46
C ASN B 194 -1.30 7.50 -13.03
N GLU B 195 -2.56 7.67 -12.65
CA GLU B 195 -3.40 6.55 -12.20
C GLU B 195 -3.42 5.41 -13.20
N PRO B 196 -3.66 5.69 -14.50
CA PRO B 196 -3.68 4.58 -15.46
C PRO B 196 -2.32 3.86 -15.61
N THR B 197 -1.24 4.62 -15.52
CA THR B 197 0.11 3.98 -15.54
C THR B 197 0.32 3.04 -14.37
N ALA B 198 -0.05 3.49 -13.18
CA ALA B 198 -0.04 2.66 -11.98
C ALA B 198 -0.85 1.38 -12.15
N ALA B 199 -2.03 1.50 -12.76
CA ALA B 199 -2.87 0.32 -12.97
C ALA B 199 -2.13 -0.66 -13.89
N ALA B 200 -1.54 -0.14 -14.97
CA ALA B 200 -0.74 -0.97 -15.88
C ALA B 200 0.42 -1.65 -15.16
N ILE B 201 1.16 -0.86 -14.38
CA ILE B 201 2.28 -1.39 -13.59
C ILE B 201 1.86 -2.53 -12.67
N ALA B 202 0.70 -2.37 -12.03
CA ALA B 202 0.17 -3.40 -11.12
C ALA B 202 0.10 -4.77 -11.75
N TYR B 203 -0.22 -4.81 -13.04
CA TYR B 203 -0.34 -6.05 -13.78
C TYR B 203 1.00 -6.42 -14.46
N GLY B 204 2.06 -5.65 -14.22
CA GLY B 204 3.35 -5.93 -14.85
C GLY B 204 3.38 -5.77 -16.37
N LEU B 205 2.46 -4.96 -16.90
CA LEU B 205 2.31 -4.85 -18.34
C LEU B 205 3.51 -4.13 -18.99
N ASP B 206 4.33 -3.45 -18.20
CA ASP B 206 5.56 -2.82 -18.70
C ASP B 206 6.79 -3.75 -18.61
N ARG B 207 6.57 -5.00 -18.24
CA ARG B 207 7.68 -5.90 -17.97
C ARG B 207 7.45 -7.28 -18.57
N ARG B 208 6.77 -7.38 -19.71
CA ARG B 208 6.51 -8.68 -20.33
C ARG B 208 7.59 -9.12 -21.32
N GLY B 209 8.43 -8.21 -21.79
CA GLY B 209 9.52 -8.57 -22.69
C GLY B 209 9.61 -7.51 -23.76
N ALA B 210 10.17 -7.87 -24.92
CA ALA B 210 10.08 -6.97 -26.09
C ALA B 210 8.67 -7.01 -26.69
N GLY B 211 8.41 -6.03 -27.55
CA GLY B 211 7.13 -5.89 -28.16
C GLY B 211 6.42 -4.72 -27.54
N GLU B 212 6.04 -3.77 -28.38
CA GLU B 212 5.18 -2.69 -27.98
C GLU B 212 3.81 -3.26 -27.54
N ARG B 213 3.26 -2.69 -26.48
CA ARG B 213 1.93 -3.07 -25.96
C ARG B 213 0.98 -1.89 -25.94
N ASN B 214 -0.23 -2.09 -26.44
CA ASN B 214 -1.34 -1.15 -26.31
C ASN B 214 -2.30 -1.64 -25.25
N VAL B 215 -2.58 -0.75 -24.30
CA VAL B 215 -3.35 -1.09 -23.13
C VAL B 215 -4.50 -0.11 -23.03
N LEU B 216 -5.70 -0.61 -22.70
CA LEU B 216 -6.79 0.32 -22.36
C LEU B 216 -7.15 0.15 -20.89
N ILE B 217 -7.15 1.26 -20.16
CA ILE B 217 -7.56 1.26 -18.76
C ILE B 217 -8.95 1.89 -18.68
N PHE B 218 -9.89 1.10 -18.15
CA PHE B 218 -11.29 1.47 -17.95
C PHE B 218 -11.45 1.63 -16.46
N ASP B 219 -11.58 2.88 -16.05
CA ASP B 219 -11.58 3.27 -14.67
C ASP B 219 -12.87 4.01 -14.28
N LEU B 220 -13.81 3.26 -13.71
CA LEU B 220 -15.11 3.82 -13.32
C LEU B 220 -15.13 3.76 -11.80
N GLY B 221 -14.96 4.93 -11.17
CA GLY B 221 -14.85 5.02 -9.73
C GLY B 221 -16.09 5.48 -8.98
N GLY B 222 -15.89 6.27 -7.94
CA GLY B 222 -16.97 6.76 -7.10
C GLY B 222 -17.61 8.02 -7.61
N GLY B 223 -16.79 8.88 -8.22
CA GLY B 223 -17.21 10.20 -8.69
C GLY B 223 -16.85 10.47 -10.13
N THR B 224 -15.85 9.75 -10.65
CA THR B 224 -15.32 10.04 -11.96
C THR B 224 -15.17 8.77 -12.77
N PHE B 225 -15.21 8.96 -14.09
CA PHE B 225 -15.00 7.90 -15.05
C PHE B 225 -13.89 8.35 -16.00
N ASP B 226 -12.83 7.54 -16.09
CA ASP B 226 -11.66 7.81 -16.93
C ASP B 226 -11.30 6.57 -17.74
N VAL B 227 -11.15 6.76 -19.04
CA VAL B 227 -10.62 5.75 -19.95
C VAL B 227 -9.27 6.28 -20.45
N SER B 228 -8.24 5.44 -20.46
CA SER B 228 -6.95 5.85 -21.01
C SER B 228 -6.43 4.80 -21.95
N VAL B 229 -5.88 5.20 -23.10
CA VAL B 229 -5.21 4.29 -24.00
C VAL B 229 -3.72 4.59 -23.88
N LEU B 230 -2.93 3.57 -23.53
CA LEU B 230 -1.52 3.73 -23.24
C LEU B 230 -0.77 2.90 -24.22
N SER B 231 0.38 3.40 -24.63
CA SER B 231 1.36 2.59 -25.35
C SER B 231 2.59 2.38 -24.46
N ILE B 232 3.07 1.15 -24.39
CA ILE B 232 4.27 0.82 -23.60
C ILE B 232 5.29 0.15 -24.49
N ASP B 233 6.50 0.68 -24.49
CA ASP B 233 7.61 0.00 -25.16
C ASP B 233 8.90 0.16 -24.39
N ALA B 234 9.59 -0.95 -24.18
CA ALA B 234 10.83 -0.98 -23.39
C ALA B 234 10.70 -0.24 -22.05
N GLY B 235 9.52 -0.31 -21.44
CA GLY B 235 9.23 0.34 -20.17
C GLY B 235 8.79 1.81 -20.25
N VAL B 236 8.79 2.38 -21.44
CA VAL B 236 8.41 3.76 -21.62
C VAL B 236 6.91 3.78 -21.87
N PHE B 237 6.22 4.59 -21.08
CA PHE B 237 4.78 4.81 -21.22
C PHE B 237 4.54 6.09 -22.01
N GLU B 238 3.55 6.02 -22.89
CA GLU B 238 2.94 7.17 -23.51
C GLU B 238 1.40 7.05 -23.43
N VAL B 239 0.72 8.12 -23.00
CA VAL B 239 -0.73 8.20 -23.02
C VAL B 239 -1.14 8.64 -24.43
N LYS B 240 -1.78 7.76 -25.18
CA LYS B 240 -2.18 8.08 -26.54
C LYS B 240 -3.50 8.86 -26.59
N ALA B 241 -4.40 8.57 -25.65
CA ALA B 241 -5.71 9.22 -25.60
C ALA B 241 -6.30 9.07 -24.22
N THR B 242 -7.10 10.05 -23.81
CA THR B 242 -7.90 9.93 -22.59
C THR B 242 -9.28 10.50 -22.85
N ALA B 243 -10.28 9.94 -22.18
CA ALA B 243 -11.65 10.42 -22.31
C ALA B 243 -12.39 10.07 -21.05
N GLY B 244 -13.56 10.64 -20.86
CA GLY B 244 -14.46 10.19 -19.82
C GLY B 244 -15.36 11.30 -19.36
N ASP B 245 -15.69 11.28 -18.07
CA ASP B 245 -16.68 12.15 -17.50
C ASP B 245 -16.35 12.27 -16.04
N THR B 246 -15.99 13.48 -15.63
CA THR B 246 -15.57 13.73 -14.25
C THR B 246 -16.73 13.79 -13.26
N HIS B 247 -17.96 13.56 -13.74
CA HIS B 247 -19.14 13.46 -12.88
C HIS B 247 -19.99 12.23 -13.23
N LEU B 248 -19.32 11.11 -13.50
CA LEU B 248 -20.00 9.83 -13.66
C LEU B 248 -19.23 8.84 -12.80
N GLY B 249 -19.92 8.31 -11.79
CA GLY B 249 -19.40 7.19 -11.05
C GLY B 249 -20.44 6.54 -10.16
N GLY B 250 -19.94 5.75 -9.22
CA GLY B 250 -20.79 4.99 -8.34
C GLY B 250 -21.78 5.83 -7.56
N GLU B 251 -21.45 7.08 -7.29
CA GLU B 251 -22.40 7.88 -6.50
C GLU B 251 -23.67 8.25 -7.30
N ASP B 252 -23.57 8.29 -8.62
CA ASP B 252 -24.74 8.42 -9.50
C ASP B 252 -25.58 7.14 -9.50
N PHE B 253 -24.97 5.96 -9.36
CA PHE B 253 -25.77 4.73 -9.21
C PHE B 253 -26.49 4.71 -7.84
N ASP B 254 -25.81 5.19 -6.80
CA ASP B 254 -26.38 5.37 -5.48
C ASP B 254 -27.61 6.28 -5.55
N ASN B 255 -27.49 7.38 -6.29
CA ASN B 255 -28.57 8.31 -6.45
C ASN B 255 -29.77 7.73 -7.17
N ARG B 256 -29.56 6.89 -8.16
CA ARG B 256 -30.70 6.18 -8.79
C ARG B 256 -31.44 5.27 -7.79
N LEU B 257 -30.67 4.61 -6.93
CA LEU B 257 -31.25 3.77 -5.89
C LEU B 257 -32.00 4.63 -4.89
N VAL B 258 -31.44 5.77 -4.50
CA VAL B 258 -32.12 6.66 -3.56
C VAL B 258 -33.47 7.12 -4.10
N ASN B 259 -33.51 7.52 -5.36
CA ASN B 259 -34.76 7.87 -6.02
C ASN B 259 -35.78 6.72 -6.03
N HIS B 260 -35.34 5.54 -6.46
CA HIS B 260 -36.17 4.33 -6.42
C HIS B 260 -36.78 4.10 -5.03
N PHE B 261 -35.94 4.04 -4.00
CA PHE B 261 -36.41 3.75 -2.66
C PHE B 261 -37.21 4.86 -1.98
N MET B 262 -36.88 6.10 -2.27
CA MET B 262 -37.63 7.25 -1.77
C MET B 262 -39.12 7.11 -2.16
N GLU B 263 -39.33 6.69 -3.41
CA GLU B 263 -40.65 6.52 -3.96
C GLU B 263 -41.32 5.29 -3.33
N GLU B 264 -40.57 4.22 -3.12
CA GLU B 264 -41.13 3.00 -2.51
C GLU B 264 -41.62 3.36 -1.11
N PHE B 265 -40.82 4.16 -0.41
CA PHE B 265 -41.14 4.52 0.96
C PHE B 265 -42.45 5.32 0.98
N ARG B 266 -42.58 6.24 0.05
CA ARG B 266 -43.80 7.01 -0.09
C ARG B 266 -45.00 6.05 -0.30
N ARG B 267 -44.88 5.14 -1.25
CA ARG B 267 -45.96 4.26 -1.65
C ARG B 267 -46.31 3.17 -0.63
N LYS B 268 -45.33 2.78 0.16
CA LYS B 268 -45.51 1.70 1.13
C LYS B 268 -45.68 2.17 2.56
N HIS B 269 -45.19 3.37 2.86
CA HIS B 269 -45.35 3.89 4.20
C HIS B 269 -46.06 5.21 4.22
N GLY B 270 -46.43 5.70 3.04
CA GLY B 270 -47.23 6.91 2.96
C GLY B 270 -46.55 8.19 3.39
N LYS B 271 -45.21 8.21 3.49
CA LYS B 271 -44.51 9.39 3.97
C LYS B 271 -43.58 9.90 2.88
N ASP B 272 -43.44 11.22 2.80
CA ASP B 272 -42.61 11.86 1.79
C ASP B 272 -41.36 12.41 2.47
N LEU B 273 -40.19 11.82 2.17
CA LEU B 273 -38.95 12.26 2.82
C LEU B 273 -38.12 13.19 1.94
N SER B 274 -38.63 13.52 0.78
CA SER B 274 -37.89 14.34 -0.17
C SER B 274 -37.54 15.76 0.30
N GLY B 275 -38.17 16.23 1.37
CA GLY B 275 -37.84 17.53 1.95
C GLY B 275 -36.81 17.46 3.07
N ASN B 276 -36.39 16.24 3.46
CA ASN B 276 -35.57 16.02 4.65
C ASN B 276 -34.18 15.50 4.30
N LYS B 277 -33.16 16.35 4.46
CA LYS B 277 -31.82 16.02 4.00
C LYS B 277 -31.15 14.97 4.86
N ARG B 278 -31.38 15.01 6.17
CA ARG B 278 -30.88 13.93 7.05
C ARG B 278 -31.38 12.56 6.52
N ALA B 279 -32.69 12.43 6.32
CA ALA B 279 -33.29 11.18 5.86
C ALA B 279 -32.71 10.79 4.53
N LEU B 280 -32.58 11.76 3.62
CA LEU B 280 -32.02 11.47 2.31
C LEU B 280 -30.57 10.95 2.40
N ARG B 281 -29.78 11.52 3.30
CA ARG B 281 -28.40 11.06 3.49
C ARG B 281 -28.38 9.66 4.11
N ARG B 282 -29.22 9.41 5.12
CA ARG B 282 -29.31 8.07 5.72
CA ARG B 282 -29.27 8.07 5.71
C ARG B 282 -29.65 7.03 4.67
N LEU B 283 -30.59 7.39 3.79
CA LEU B 283 -31.02 6.49 2.76
C LEU B 283 -29.87 6.18 1.78
N ARG B 284 -29.18 7.21 1.37
CA ARG B 284 -28.07 7.05 0.45
C ARG B 284 -27.00 6.14 0.99
N THR B 285 -26.65 6.26 2.28
CA THR B 285 -25.70 5.32 2.92
C THR B 285 -26.17 3.85 2.77
N ALA B 286 -27.44 3.60 3.02
CA ALA B 286 -28.00 2.25 2.89
C ALA B 286 -27.98 1.82 1.44
N CYS B 287 -28.28 2.73 0.55
CA CYS B 287 -28.23 2.41 -0.90
C CYS B 287 -26.81 2.01 -1.36
N GLU B 288 -25.77 2.73 -0.90
CA GLU B 288 -24.40 2.41 -1.30
C GLU B 288 -24.09 0.98 -0.87
N ARG B 289 -24.44 0.66 0.36
CA ARG B 289 -24.25 -0.69 0.88
C ARG B 289 -25.03 -1.71 0.09
N ALA B 290 -26.30 -1.45 -0.20
CA ALA B 290 -27.08 -2.43 -0.96
C ALA B 290 -26.44 -2.64 -2.34
N LYS B 291 -26.06 -1.55 -2.98
CA LYS B 291 -25.36 -1.61 -4.28
C LYS B 291 -24.15 -2.56 -4.24
N ARG B 292 -23.29 -2.41 -3.24
CA ARG B 292 -22.08 -3.23 -3.15
CA ARG B 292 -22.07 -3.22 -3.18
C ARG B 292 -22.45 -4.71 -3.08
N THR B 293 -23.42 -5.02 -2.21
CA THR B 293 -23.90 -6.40 -2.03
C THR B 293 -24.30 -7.04 -3.36
N LEU B 294 -25.02 -6.28 -4.19
CA LEU B 294 -25.50 -6.78 -5.48
C LEU B 294 -24.39 -7.12 -6.50
N SER B 295 -23.15 -6.75 -6.21
CA SER B 295 -22.04 -7.17 -7.05
C SER B 295 -21.71 -8.64 -6.80
N SER B 296 -22.06 -9.13 -5.61
CA SER B 296 -21.82 -10.53 -5.17
C SER B 296 -23.04 -11.43 -5.05
N SER B 297 -24.24 -10.87 -4.90
CA SER B 297 -25.45 -11.69 -4.93
C SER B 297 -26.54 -11.05 -5.74
N THR B 298 -27.59 -11.81 -5.99
CA THR B 298 -28.61 -11.41 -6.96
C THR B 298 -29.72 -10.64 -6.30
N GLN B 299 -29.63 -10.47 -4.98
CA GLN B 299 -30.59 -9.64 -4.22
C GLN B 299 -29.87 -9.03 -3.02
N ALA B 300 -30.37 -7.90 -2.52
CA ALA B 300 -29.79 -7.19 -1.38
C ALA B 300 -30.89 -6.59 -0.57
N THR B 301 -30.69 -6.55 0.73
CA THR B 301 -31.64 -5.92 1.60
C THR B 301 -31.31 -4.45 1.75
N LEU B 302 -32.30 -3.67 2.16
CA LEU B 302 -32.05 -2.28 2.60
C LEU B 302 -32.76 -2.14 3.91
N GLU B 303 -32.05 -1.72 4.94
CA GLU B 303 -32.57 -1.73 6.29
C GLU B 303 -32.12 -0.48 7.06
N ILE B 304 -33.09 0.34 7.48
CA ILE B 304 -32.84 1.60 8.17
C ILE B 304 -33.82 1.79 9.30
N ASP B 305 -33.31 1.98 10.50
CA ASP B 305 -34.15 2.26 11.64
C ASP B 305 -34.50 3.75 11.68
N SER B 306 -35.79 4.03 11.86
CA SER B 306 -36.20 5.39 12.19
C SER B 306 -35.75 6.35 11.07
N LEU B 307 -36.02 5.96 9.82
CA LEU B 307 -35.62 6.75 8.65
C LEU B 307 -36.28 8.13 8.72
N PHE B 308 -37.59 8.17 8.87
CA PHE B 308 -38.31 9.43 8.78
C PHE B 308 -39.52 9.42 9.71
N GLU B 309 -39.59 10.43 10.59
CA GLU B 309 -40.68 10.57 11.54
C GLU B 309 -40.92 9.27 12.31
N GLY B 310 -39.80 8.61 12.66
CA GLY B 310 -39.81 7.37 13.43
C GLY B 310 -40.19 6.11 12.67
N VAL B 311 -40.44 6.23 11.37
CA VAL B 311 -40.80 5.06 10.56
C VAL B 311 -39.53 4.34 10.06
N ASP B 312 -39.43 3.06 10.40
CA ASP B 312 -38.37 2.17 9.91
C ASP B 312 -38.62 1.81 8.47
N PHE B 313 -37.54 1.57 7.72
CA PHE B 313 -37.62 1.15 6.32
C PHE B 313 -36.79 -0.12 6.07
N TYR B 314 -37.48 -1.22 5.82
CA TYR B 314 -36.87 -2.53 5.69
C TYR B 314 -37.44 -3.15 4.42
N THR B 315 -36.61 -3.32 3.40
CA THR B 315 -37.07 -3.84 2.14
C THR B 315 -35.87 -4.51 1.45
N SER B 316 -35.99 -4.75 0.15
CA SER B 316 -34.94 -5.35 -0.63
C SER B 316 -35.06 -4.95 -2.08
N ILE B 317 -34.08 -5.37 -2.87
CA ILE B 317 -34.08 -5.13 -4.30
C ILE B 317 -33.28 -6.25 -4.97
N THR B 318 -33.61 -6.53 -6.22
CA THR B 318 -32.86 -7.52 -7.00
C THR B 318 -31.72 -6.83 -7.81
N ARG B 319 -30.71 -7.60 -8.17
CA ARG B 319 -29.71 -7.13 -9.12
C ARG B 319 -30.38 -6.70 -10.44
N ALA B 320 -31.36 -7.46 -10.94
CA ALA B 320 -32.01 -7.12 -12.23
C ALA B 320 -32.63 -5.73 -12.19
N ARG B 321 -33.31 -5.40 -11.10
CA ARG B 321 -33.92 -4.10 -10.91
C ARG B 321 -32.87 -2.99 -10.86
N PHE B 322 -31.81 -3.19 -10.08
CA PHE B 322 -30.69 -2.24 -10.02
C PHE B 322 -30.08 -2.03 -11.42
N GLU B 323 -29.92 -3.10 -12.17
CA GLU B 323 -29.39 -2.97 -13.52
C GLU B 323 -30.30 -2.19 -14.43
N GLU B 324 -31.62 -2.36 -14.29
CA GLU B 324 -32.60 -1.53 -15.01
C GLU B 324 -32.54 -0.07 -14.62
N LEU B 325 -32.41 0.19 -13.32
CA LEU B 325 -32.41 1.58 -12.85
C LEU B 325 -31.20 2.34 -13.37
N CYS B 326 -30.10 1.63 -13.66
CA CYS B 326 -28.88 2.29 -14.10
C CYS B 326 -28.50 2.08 -15.57
N SER B 327 -29.32 1.35 -16.33
CA SER B 327 -28.91 0.80 -17.63
C SER B 327 -28.37 1.85 -18.60
N ASP B 328 -28.98 3.02 -18.61
CA ASP B 328 -28.54 4.12 -19.51
C ASP B 328 -27.11 4.59 -19.13
N LEU B 329 -26.86 4.70 -17.83
CA LEU B 329 -25.54 5.12 -17.33
C LEU B 329 -24.43 4.09 -17.66
N PHE B 330 -24.71 2.82 -17.38
CA PHE B 330 -23.78 1.73 -17.68
C PHE B 330 -23.44 1.72 -19.15
N ARG B 331 -24.47 1.74 -19.99
CA ARG B 331 -24.25 1.72 -21.43
C ARG B 331 -23.42 2.91 -21.92
N SER B 332 -23.63 4.08 -21.33
CA SER B 332 -22.90 5.30 -21.72
C SER B 332 -21.37 5.24 -21.51
N THR B 333 -20.91 4.35 -20.64
CA THR B 333 -19.47 4.22 -20.38
C THR B 333 -18.72 3.67 -21.58
N LEU B 334 -19.41 3.02 -22.52
CA LEU B 334 -18.76 2.57 -23.75
C LEU B 334 -18.45 3.70 -24.74
N GLU B 335 -19.10 4.86 -24.57
CA GLU B 335 -18.90 5.95 -25.49
C GLU B 335 -17.48 6.51 -25.37
N PRO B 336 -16.99 6.76 -24.13
CA PRO B 336 -15.60 7.24 -24.09
C PRO B 336 -14.61 6.17 -24.49
N VAL B 337 -14.94 4.89 -24.35
CA VAL B 337 -14.08 3.84 -24.83
C VAL B 337 -13.88 4.02 -26.35
N GLU B 338 -14.99 4.19 -27.09
CA GLU B 338 -14.96 4.37 -28.53
C GLU B 338 -14.17 5.62 -28.89
N LYS B 339 -14.41 6.70 -28.16
CA LYS B 339 -13.72 7.98 -28.38
C LYS B 339 -12.19 7.91 -28.18
N ALA B 340 -11.76 7.31 -27.07
CA ALA B 340 -10.34 7.20 -26.76
C ALA B 340 -9.63 6.37 -27.84
N LEU B 341 -10.23 5.24 -28.22
CA LEU B 341 -9.67 4.39 -29.25
C LEU B 341 -9.53 5.20 -30.54
N ARG B 342 -10.58 5.94 -30.87
CA ARG B 342 -10.60 6.72 -32.11
C ARG B 342 -9.54 7.82 -32.07
N ASP B 343 -9.43 8.52 -30.95
CA ASP B 343 -8.37 9.54 -30.76
C ASP B 343 -6.94 8.96 -30.75
N ALA B 344 -6.78 7.70 -30.35
CA ALA B 344 -5.46 7.06 -30.35
C ALA B 344 -5.20 6.35 -31.67
N LYS B 345 -6.17 6.45 -32.58
CA LYS B 345 -6.06 5.80 -33.90
C LYS B 345 -5.80 4.31 -33.81
N LEU B 346 -6.50 3.66 -32.89
CA LEU B 346 -6.38 2.23 -32.75
C LEU B 346 -7.74 1.59 -32.85
N ASP B 347 -7.77 0.42 -33.48
CA ASP B 347 -8.92 -0.47 -33.42
C ASP B 347 -8.87 -1.28 -32.13
N LYS B 348 -10.03 -1.70 -31.66
CA LYS B 348 -10.12 -2.47 -30.41
C LYS B 348 -9.34 -3.77 -30.51
N ALA B 349 -9.27 -4.33 -31.71
CA ALA B 349 -8.44 -5.52 -31.97
C ALA B 349 -6.94 -5.26 -31.80
N GLN B 350 -6.51 -4.00 -31.88
CA GLN B 350 -5.09 -3.68 -31.65
C GLN B 350 -4.71 -3.55 -30.15
N ILE B 351 -5.70 -3.55 -29.25
CA ILE B 351 -5.45 -3.46 -27.81
C ILE B 351 -5.08 -4.82 -27.26
N HIS B 352 -3.90 -4.94 -26.66
CA HIS B 352 -3.45 -6.20 -26.05
C HIS B 352 -4.09 -6.50 -24.70
N ASP B 353 -4.33 -5.47 -23.89
CA ASP B 353 -4.74 -5.65 -22.48
C ASP B 353 -5.78 -4.59 -22.12
N VAL B 354 -6.90 -5.05 -21.58
CA VAL B 354 -7.93 -4.17 -21.09
C VAL B 354 -7.90 -4.37 -19.58
N VAL B 355 -7.71 -3.29 -18.85
CA VAL B 355 -7.57 -3.34 -17.39
C VAL B 355 -8.75 -2.65 -16.70
N LEU B 356 -9.39 -3.36 -15.78
CA LEU B 356 -10.49 -2.81 -14.99
C LEU B 356 -9.98 -2.12 -13.72
N VAL B 357 -10.33 -0.85 -13.57
CA VAL B 357 -9.91 -0.07 -12.43
C VAL B 357 -11.14 0.64 -11.89
N GLY B 358 -11.13 0.93 -10.59
CA GLY B 358 -12.22 1.61 -9.94
C GLY B 358 -13.28 0.69 -9.35
N GLY B 359 -13.80 1.08 -8.20
CA GLY B 359 -14.71 0.23 -7.42
C GLY B 359 -15.98 -0.15 -8.19
N SER B 360 -16.46 0.74 -9.05
CA SER B 360 -17.67 0.48 -9.83
C SER B 360 -17.50 -0.62 -10.89
N THR B 361 -16.26 -0.95 -11.27
CA THR B 361 -16.03 -2.05 -12.21
C THR B 361 -16.23 -3.46 -11.59
N ARG B 362 -16.56 -3.51 -10.30
CA ARG B 362 -16.99 -4.75 -9.68
C ARG B 362 -18.45 -5.11 -10.01
N ILE B 363 -19.21 -4.14 -10.53
CA ILE B 363 -20.58 -4.36 -10.97
C ILE B 363 -20.54 -5.30 -12.16
N PRO B 364 -21.15 -6.49 -12.04
CA PRO B 364 -21.11 -7.50 -13.12
C PRO B 364 -21.58 -7.01 -14.50
N LYS B 365 -22.67 -6.26 -14.53
CA LYS B 365 -23.21 -5.73 -15.78
C LYS B 365 -22.21 -4.75 -16.47
N VAL B 366 -21.44 -3.99 -15.67
CA VAL B 366 -20.37 -3.15 -16.27
C VAL B 366 -19.29 -4.04 -16.92
N GLN B 367 -18.90 -5.09 -16.23
CA GLN B 367 -17.91 -6.02 -16.79
C GLN B 367 -18.37 -6.69 -18.07
N LYS B 368 -19.62 -7.16 -18.07
CA LYS B 368 -20.23 -7.78 -19.24
C LYS B 368 -20.21 -6.81 -20.41
N LEU B 369 -20.63 -5.56 -20.18
CA LEU B 369 -20.73 -4.58 -21.26
C LEU B 369 -19.36 -4.34 -21.90
N LEU B 370 -18.34 -4.15 -21.06
CA LEU B 370 -17.02 -3.87 -21.61
C LEU B 370 -16.50 -5.10 -22.34
N GLN B 371 -16.71 -6.28 -21.76
CA GLN B 371 -16.24 -7.51 -22.38
C GLN B 371 -16.88 -7.75 -23.75
N ASP B 372 -18.18 -7.50 -23.82
CA ASP B 372 -18.94 -7.60 -25.06
C ASP B 372 -18.38 -6.62 -26.09
N PHE B 373 -18.12 -5.38 -25.67
CA PHE B 373 -17.52 -4.40 -26.56
C PHE B 373 -16.21 -4.91 -27.16
N PHE B 374 -15.42 -5.63 -26.36
CA PHE B 374 -14.18 -6.22 -26.86
C PHE B 374 -14.38 -7.62 -27.39
N ASN B 375 -15.59 -7.94 -27.81
CA ASN B 375 -15.92 -9.23 -28.40
C ASN B 375 -15.40 -10.45 -27.63
N GLY B 376 -15.61 -10.45 -26.31
CA GLY B 376 -15.33 -11.64 -25.50
C GLY B 376 -13.93 -11.70 -24.91
N LYS B 377 -13.12 -10.68 -25.15
CA LYS B 377 -11.75 -10.63 -24.63
C LYS B 377 -11.75 -10.70 -23.09
N GLU B 378 -10.81 -11.46 -22.54
CA GLU B 378 -10.66 -11.57 -21.10
C GLU B 378 -10.11 -10.26 -20.55
N LEU B 379 -10.72 -9.79 -19.46
CA LEU B 379 -10.36 -8.52 -18.81
C LEU B 379 -9.37 -8.77 -17.68
N ASN B 380 -8.43 -7.86 -17.49
CA ASN B 380 -7.60 -7.89 -16.29
C ASN B 380 -8.36 -7.35 -15.09
N LYS B 381 -8.72 -8.25 -14.20
CA LYS B 381 -9.49 -7.88 -13.03
C LYS B 381 -9.20 -8.75 -11.83
N SER B 382 -8.07 -9.44 -11.82
CA SER B 382 -7.71 -10.28 -10.67
C SER B 382 -7.23 -9.48 -9.45
N ILE B 383 -6.75 -8.24 -9.65
CA ILE B 383 -6.52 -7.33 -8.53
C ILE B 383 -7.81 -6.53 -8.32
N ASN B 384 -8.29 -6.47 -7.08
CA ASN B 384 -9.43 -5.65 -6.75
C ASN B 384 -9.29 -4.29 -7.43
N PRO B 385 -10.26 -3.92 -8.26
CA PRO B 385 -10.10 -2.70 -9.05
C PRO B 385 -10.00 -1.43 -8.24
N ASP B 386 -10.66 -1.37 -7.06
CA ASP B 386 -10.54 -0.18 -6.26
C ASP B 386 -9.19 -0.12 -5.54
N GLU B 387 -8.36 -1.13 -5.73
CA GLU B 387 -7.01 -1.21 -5.11
C GLU B 387 -5.86 -1.23 -6.13
N ALA B 388 -6.20 -1.28 -7.42
CA ALA B 388 -5.19 -1.53 -8.46
C ALA B 388 -4.23 -0.34 -8.61
N VAL B 389 -4.75 0.89 -8.50
CA VAL B 389 -3.93 2.09 -8.51
C VAL B 389 -2.90 2.10 -7.33
N ALA B 390 -3.37 1.87 -6.10
CA ALA B 390 -2.48 1.83 -4.94
C ALA B 390 -1.44 0.73 -5.13
N TYR B 391 -1.86 -0.39 -5.69
CA TYR B 391 -1.01 -1.54 -5.89
C TYR B 391 0.19 -1.22 -6.83
N GLY B 392 -0.13 -0.64 -7.98
CA GLY B 392 0.88 -0.19 -8.95
C GLY B 392 1.79 0.85 -8.32
N ALA B 393 1.20 1.78 -7.59
CA ALA B 393 1.95 2.80 -6.90
C ALA B 393 2.95 2.16 -5.92
N ALA B 394 2.52 1.11 -5.22
CA ALA B 394 3.37 0.44 -4.25
C ALA B 394 4.56 -0.22 -4.95
N VAL B 395 4.29 -0.85 -6.09
CA VAL B 395 5.35 -1.47 -6.87
C VAL B 395 6.35 -0.41 -7.34
N GLN B 396 5.85 0.69 -7.86
CA GLN B 396 6.74 1.73 -8.37
C GLN B 396 7.53 2.41 -7.25
N ALA B 397 6.91 2.61 -6.09
CA ALA B 397 7.62 3.06 -4.90
C ALA B 397 8.86 2.20 -4.58
N ALA B 398 8.69 0.88 -4.57
CA ALA B 398 9.81 -0.05 -4.31
C ALA B 398 10.90 0.05 -5.42
N VAL B 399 10.47 0.11 -6.68
CA VAL B 399 11.39 0.36 -7.79
C VAL B 399 12.19 1.64 -7.58
N LEU B 400 11.51 2.74 -7.26
CA LEU B 400 12.20 3.98 -7.07
C LEU B 400 13.12 4.01 -5.83
N MET B 401 12.84 3.15 -4.84
CA MET B 401 13.64 3.09 -3.62
C MET B 401 14.81 2.12 -3.77
N GLY B 402 14.79 1.27 -4.78
CA GLY B 402 15.82 0.24 -4.92
C GLY B 402 17.07 0.79 -5.56
N ASP B 403 18.01 -0.08 -5.91
CA ASP B 403 19.30 0.32 -6.45
C ASP B 403 19.29 0.36 -8.00
N GLU C 24 -47.03 -18.23 7.13
CA GLU C 24 -46.20 -17.93 8.34
C GLU C 24 -44.95 -18.83 8.39
N LEU C 25 -43.77 -18.18 8.45
CA LEU C 25 -42.47 -18.85 8.69
C LEU C 25 -41.92 -18.29 10.00
N ALA C 26 -41.64 -19.15 10.98
CA ALA C 26 -41.19 -18.72 12.31
C ALA C 26 -39.70 -18.42 12.34
N VAL C 27 -39.26 -17.45 13.15
CA VAL C 27 -37.82 -17.21 13.33
C VAL C 27 -37.32 -17.65 14.71
N GLY C 28 -36.01 -17.81 14.84
CA GLY C 28 -35.35 -18.00 16.14
C GLY C 28 -34.57 -16.75 16.51
N ILE C 29 -34.76 -16.25 17.72
CA ILE C 29 -34.09 -15.03 18.19
C ILE C 29 -33.35 -15.19 19.53
N ASP C 30 -32.03 -14.97 19.46
CA ASP C 30 -31.16 -14.84 20.61
C ASP C 30 -31.21 -13.38 21.00
N LEU C 31 -31.85 -13.09 22.14
CA LEU C 31 -31.93 -11.76 22.67
C LEU C 31 -30.85 -11.68 23.75
N GLY C 32 -29.69 -11.12 23.38
CA GLY C 32 -28.49 -11.24 24.21
C GLY C 32 -28.25 -10.04 25.08
N THR C 33 -27.47 -10.23 26.15
CA THR C 33 -27.08 -9.15 27.04
C THR C 33 -26.38 -8.07 26.24
N THR C 34 -25.44 -8.48 25.38
CA THR C 34 -24.60 -7.54 24.60
C THR C 34 -24.87 -7.63 23.09
N TYR C 35 -25.04 -8.84 22.56
CA TYR C 35 -25.36 -8.96 21.13
C TYR C 35 -26.55 -9.91 20.95
N SER C 36 -27.40 -9.58 19.98
CA SER C 36 -28.51 -10.41 19.64
C SER C 36 -28.33 -10.95 18.22
N CYS C 37 -29.10 -11.97 17.87
CA CYS C 37 -28.94 -12.68 16.59
C CYS C 37 -30.26 -13.29 16.18
N VAL C 38 -30.52 -13.35 14.88
CA VAL C 38 -31.76 -13.92 14.38
C VAL C 38 -31.47 -14.92 13.26
N GLY C 39 -32.13 -16.08 13.34
CA GLY C 39 -32.03 -17.12 12.32
C GLY C 39 -33.40 -17.55 11.83
N VAL C 40 -33.42 -18.10 10.62
CA VAL C 40 -34.62 -18.75 10.08
C VAL C 40 -34.28 -20.07 9.34
N PHE C 41 -35.08 -21.09 9.61
CA PHE C 41 -34.88 -22.37 8.98
C PHE C 41 -35.67 -22.36 7.65
N GLN C 42 -35.02 -22.66 6.55
CA GLN C 42 -35.71 -22.63 5.24
C GLN C 42 -34.94 -23.44 4.21
N GLN C 43 -35.69 -24.13 3.35
CA GLN C 43 -35.11 -25.10 2.42
C GLN C 43 -34.06 -25.95 3.12
N GLY C 44 -34.46 -26.59 4.22
CA GLY C 44 -33.60 -27.57 4.90
C GLY C 44 -32.30 -27.09 5.51
N ARG C 45 -32.16 -25.78 5.74
CA ARG C 45 -31.02 -25.27 6.53
C ARG C 45 -31.32 -23.96 7.27
N VAL C 46 -30.56 -23.66 8.32
CA VAL C 46 -30.74 -22.39 9.00
C VAL C 46 -29.90 -21.32 8.35
N GLU C 47 -30.51 -20.17 8.09
CA GLU C 47 -29.79 -18.98 7.65
C GLU C 47 -29.73 -17.95 8.77
N ILE C 48 -28.52 -17.51 9.13
CA ILE C 48 -28.34 -16.45 10.11
C ILE C 48 -28.25 -15.15 9.31
N LEU C 49 -29.06 -14.18 9.70
CA LEU C 49 -29.30 -12.99 8.90
C LEU C 49 -28.38 -11.81 9.24
N ALA C 50 -27.86 -11.14 8.19
CA ALA C 50 -27.00 -9.98 8.34
C ALA C 50 -27.92 -8.79 8.56
N ASN C 51 -27.42 -7.80 9.30
CA ASN C 51 -28.21 -6.65 9.67
C ASN C 51 -27.91 -5.45 8.75
N ASP C 52 -28.32 -4.26 9.18
CA ASP C 52 -28.11 -3.01 8.44
C ASP C 52 -26.65 -2.71 8.09
N GLN C 53 -25.70 -3.24 8.88
CA GLN C 53 -24.30 -3.01 8.54
C GLN C 53 -23.61 -4.27 8.08
N GLY C 54 -24.38 -5.26 7.64
CA GLY C 54 -23.80 -6.48 7.15
C GLY C 54 -23.27 -7.39 8.22
N ASN C 55 -23.66 -7.15 9.49
CA ASN C 55 -23.22 -8.01 10.61
C ASN C 55 -24.23 -9.10 11.04
N ARG C 56 -23.72 -10.28 11.30
CA ARG C 56 -24.55 -11.42 11.67
C ARG C 56 -24.99 -11.44 13.12
N THR C 57 -24.39 -10.61 13.94
CA THR C 57 -24.95 -10.32 15.25
C THR C 57 -25.14 -8.82 15.39
N THR C 58 -26.02 -8.41 16.31
CA THR C 58 -26.47 -7.03 16.47
C THR C 58 -26.36 -6.60 17.97
N PRO C 59 -25.62 -5.53 18.25
CA PRO C 59 -25.53 -5.06 19.62
C PRO C 59 -26.88 -4.78 20.20
N SER C 60 -27.08 -5.18 21.46
CA SER C 60 -28.34 -4.97 22.17
C SER C 60 -28.40 -3.55 22.76
N TYR C 61 -28.45 -2.59 21.85
CA TYR C 61 -28.28 -1.16 22.14
C TYR C 61 -29.39 -0.37 21.46
N VAL C 62 -29.93 0.61 22.18
CA VAL C 62 -30.94 1.54 21.64
C VAL C 62 -30.50 2.96 22.02
N ALA C 63 -30.44 3.82 21.01
CA ALA C 63 -30.02 5.22 21.17
C ALA C 63 -31.16 6.13 20.78
N PHE C 64 -31.48 7.01 21.71
CA PHE C 64 -32.47 8.02 21.50
C PHE C 64 -31.75 9.33 21.25
N THR C 65 -32.02 9.96 20.11
CA THR C 65 -31.43 11.26 19.73
C THR C 65 -32.56 12.25 19.52
N ASP C 66 -32.19 13.45 19.05
CA ASP C 66 -33.16 14.49 18.66
C ASP C 66 -34.12 14.02 17.58
N THR C 67 -33.54 13.40 16.56
CA THR C 67 -34.26 13.13 15.34
C THR C 67 -34.62 11.64 15.15
N GLU C 68 -33.93 10.72 15.83
CA GLU C 68 -34.12 9.30 15.53
C GLU C 68 -33.92 8.38 16.74
N ARG C 69 -34.47 7.17 16.61
CA ARG C 69 -34.26 6.07 17.54
C ARG C 69 -33.41 4.99 16.86
N LEU C 70 -32.13 4.95 17.17
CA LEU C 70 -31.23 4.00 16.53
C LEU C 70 -31.14 2.71 17.32
N VAL C 71 -30.87 1.61 16.62
CA VAL C 71 -30.79 0.29 17.26
C VAL C 71 -29.68 -0.56 16.67
N GLY C 72 -28.88 -1.16 17.54
CA GLY C 72 -27.77 -2.00 17.13
C GLY C 72 -26.48 -1.22 16.90
N ASP C 73 -25.83 -1.50 15.79
CA ASP C 73 -24.50 -1.00 15.53
C ASP C 73 -24.44 0.52 15.55
N ALA C 74 -25.42 1.18 14.93
CA ALA C 74 -25.44 2.66 14.89
C ALA C 74 -25.63 3.24 16.27
N ALA C 75 -26.35 2.53 17.14
CA ALA C 75 -26.60 3.00 18.50
C ALA C 75 -25.31 2.85 19.26
N LYS C 76 -24.64 1.71 19.06
CA LYS C 76 -23.40 1.45 19.78
C LYS C 76 -22.32 2.46 19.39
N SER C 77 -22.17 2.68 18.08
CA SER C 77 -21.25 3.70 17.52
C SER C 77 -21.30 5.11 18.10
N GLN C 78 -22.48 5.63 18.37
CA GLN C 78 -22.61 7.02 18.81
C GLN C 78 -22.75 7.14 20.33
N ALA C 79 -22.58 6.03 21.04
CA ALA C 79 -22.59 6.02 22.50
C ALA C 79 -21.51 6.94 23.14
N ALA C 80 -20.35 7.02 22.50
CA ALA C 80 -19.29 7.91 22.95
C ALA C 80 -19.76 9.36 22.98
N LEU C 81 -20.55 9.80 22.00
CA LEU C 81 -21.02 11.17 21.94
C LEU C 81 -22.36 11.40 22.63
N ASN C 82 -23.08 10.33 22.96
CA ASN C 82 -24.44 10.44 23.50
C ASN C 82 -24.66 9.43 24.64
N PRO C 83 -23.76 9.45 25.64
CA PRO C 83 -23.75 8.33 26.59
C PRO C 83 -24.98 8.23 27.50
N HIS C 84 -25.63 9.36 27.76
CA HIS C 84 -26.74 9.38 28.72
C HIS C 84 -28.05 8.87 28.14
N ASN C 85 -28.21 8.97 26.83
CA ASN C 85 -29.44 8.56 26.17
C ASN C 85 -29.27 7.32 25.28
N THR C 86 -28.20 6.58 25.53
CA THR C 86 -27.95 5.33 24.83
C THR C 86 -28.02 4.20 25.84
N VAL C 87 -29.02 3.34 25.67
CA VAL C 87 -29.31 2.27 26.62
C VAL C 87 -28.77 0.94 26.14
N PHE C 88 -28.23 0.17 27.08
CA PHE C 88 -27.76 -1.17 26.82
C PHE C 88 -27.92 -1.92 28.15
N ASP C 89 -27.57 -3.20 28.18
CA ASP C 89 -27.66 -4.03 29.38
C ASP C 89 -29.09 -4.16 29.95
N ALA C 90 -30.11 -3.98 29.11
CA ALA C 90 -31.48 -4.05 29.57
C ALA C 90 -31.80 -5.44 30.10
N LYS C 91 -31.15 -6.46 29.56
CA LYS C 91 -31.34 -7.84 30.07
C LYS C 91 -30.93 -8.01 31.53
N ARG C 92 -30.07 -7.13 32.04
CA ARG C 92 -29.70 -7.18 33.44
C ARG C 92 -30.81 -6.63 34.35
N LEU C 93 -31.78 -5.91 33.75
CA LEU C 93 -32.89 -5.31 34.47
C LEU C 93 -34.20 -6.06 34.29
N ILE C 94 -34.31 -6.86 33.22
CA ILE C 94 -35.60 -7.38 32.78
C ILE C 94 -36.14 -8.39 33.79
N GLY C 95 -37.39 -8.16 34.20
CA GLY C 95 -38.03 -9.00 35.20
C GLY C 95 -37.54 -8.87 36.62
N ARG C 96 -36.82 -7.79 36.94
CA ARG C 96 -36.26 -7.59 38.28
C ARG C 96 -36.89 -6.41 39.03
N LYS C 97 -36.68 -6.40 40.35
CA LYS C 97 -37.09 -5.29 41.21
C LYS C 97 -36.05 -4.18 41.18
N PHE C 98 -36.50 -2.93 41.28
CA PHE C 98 -35.57 -1.80 41.45
C PHE C 98 -34.78 -1.98 42.74
N ALA C 99 -35.45 -2.59 43.72
CA ALA C 99 -34.87 -2.88 45.03
C ALA C 99 -33.62 -3.75 44.93
N ASP C 100 -33.68 -4.80 44.10
CA ASP C 100 -32.60 -5.80 43.98
C ASP C 100 -31.20 -5.22 44.12
N THR C 101 -30.37 -5.87 44.95
CA THR C 101 -29.00 -5.42 45.19
C THR C 101 -28.16 -5.52 43.91
N THR C 102 -28.34 -6.58 43.11
CA THR C 102 -27.63 -6.66 41.82
C THR C 102 -28.02 -5.48 40.91
N VAL C 103 -29.29 -5.09 40.92
CA VAL C 103 -29.73 -3.93 40.12
C VAL C 103 -29.09 -2.63 40.60
N GLN C 104 -29.09 -2.38 41.91
CA GLN C 104 -28.44 -1.15 42.48
C GLN C 104 -26.92 -1.16 42.28
N SER C 105 -26.34 -2.34 42.30
CA SER C 105 -24.92 -2.48 42.00
C SER C 105 -24.63 -2.16 40.52
N ASP C 106 -25.39 -2.76 39.59
CA ASP C 106 -25.17 -2.54 38.16
C ASP C 106 -25.34 -1.06 37.81
N MET C 107 -26.33 -0.42 38.44
CA MET C 107 -26.67 0.98 38.16
C MET C 107 -25.50 1.92 38.34
N LYS C 108 -24.57 1.53 39.21
CA LYS C 108 -23.38 2.36 39.48
C LYS C 108 -22.45 2.41 38.27
N HIS C 109 -22.64 1.50 37.32
CA HIS C 109 -21.76 1.40 36.18
C HIS C 109 -22.37 1.89 34.87
N TRP C 110 -23.63 2.30 34.89
CA TRP C 110 -24.31 2.66 33.65
C TRP C 110 -24.33 4.17 33.49
N PRO C 111 -24.13 4.65 32.26
CA PRO C 111 -24.20 6.09 32.07
C PRO C 111 -25.60 6.63 31.91
N PHE C 112 -26.61 5.75 31.79
CA PHE C 112 -28.01 6.15 31.66
C PHE C 112 -28.67 6.07 33.03
N ARG C 113 -29.72 6.87 33.22
CA ARG C 113 -30.48 6.90 34.48
C ARG C 113 -31.46 5.75 34.59
N VAL C 114 -31.53 5.15 35.77
CA VAL C 114 -32.56 4.20 36.14
C VAL C 114 -33.30 4.67 37.41
N VAL C 115 -34.62 4.53 37.39
CA VAL C 115 -35.53 5.09 38.41
C VAL C 115 -36.63 4.06 38.76
N SER C 116 -37.25 4.18 39.94
CA SER C 116 -38.28 3.23 40.36
C SER C 116 -39.67 3.69 39.92
N GLU C 117 -40.48 2.76 39.44
CA GLU C 117 -41.88 3.03 39.11
C GLU C 117 -42.67 1.94 39.78
N GLY C 118 -43.13 2.22 41.00
CA GLY C 118 -43.85 1.24 41.80
C GLY C 118 -43.08 -0.04 41.97
N GLY C 119 -41.80 0.08 42.33
CA GLY C 119 -40.94 -1.09 42.54
C GLY C 119 -40.24 -1.62 41.31
N LYS C 120 -40.61 -1.13 40.13
CA LYS C 120 -40.03 -1.60 38.85
C LYS C 120 -38.97 -0.63 38.33
N PRO C 121 -37.78 -1.15 37.93
CA PRO C 121 -36.83 -0.25 37.24
C PRO C 121 -37.37 0.23 35.90
N LYS C 122 -37.10 1.49 35.59
CA LYS C 122 -37.35 2.04 34.27
C LYS C 122 -36.13 2.87 33.91
N VAL C 123 -35.69 2.82 32.66
CA VAL C 123 -34.61 3.70 32.25
C VAL C 123 -35.24 5.03 31.87
N ARG C 124 -34.48 6.11 32.02
CA ARG C 124 -34.95 7.45 31.74
C ARG C 124 -33.97 8.19 30.83
N VAL C 125 -34.48 8.77 29.76
CA VAL C 125 -33.64 9.35 28.72
C VAL C 125 -34.31 10.59 28.15
N CYS C 126 -33.52 11.38 27.42
CA CYS C 126 -34.05 12.48 26.63
C CYS C 126 -34.22 12.03 25.18
N TYR C 127 -35.42 12.21 24.63
CA TYR C 127 -35.76 11.74 23.29
C TYR C 127 -36.61 12.76 22.51
N ARG C 128 -36.05 13.26 21.40
CA ARG C 128 -36.64 14.36 20.64
C ARG C 128 -36.77 15.62 21.53
N GLY C 129 -35.81 15.83 22.42
CA GLY C 129 -35.91 16.89 23.44
C GLY C 129 -36.98 16.70 24.51
N GLU C 130 -37.68 15.56 24.48
CA GLU C 130 -38.69 15.22 25.50
C GLU C 130 -38.10 14.22 26.51
N ASP C 131 -38.49 14.37 27.78
CA ASP C 131 -38.01 13.51 28.87
C ASP C 131 -38.88 12.26 29.05
N LYS C 132 -38.39 11.10 28.60
CA LYS C 132 -39.19 9.86 28.52
C LYS C 132 -38.63 8.72 29.37
N THR C 133 -39.51 7.80 29.73
CA THR C 133 -39.12 6.65 30.54
C THR C 133 -39.59 5.30 29.89
N PHE C 134 -38.81 4.23 30.07
CA PHE C 134 -39.08 2.94 29.43
C PHE C 134 -38.78 1.77 30.35
N TYR C 135 -39.65 0.77 30.35
CA TYR C 135 -39.39 -0.48 31.06
C TYR C 135 -38.36 -1.32 30.28
N PRO C 136 -37.59 -2.18 30.99
CA PRO C 136 -36.65 -3.09 30.32
C PRO C 136 -37.29 -3.86 29.17
N GLU C 137 -38.51 -4.36 29.40
CA GLU C 137 -39.26 -5.06 28.33
C GLU C 137 -39.52 -4.20 27.10
N GLU C 138 -39.68 -2.90 27.29
CA GLU C 138 -39.87 -1.99 26.17
C GLU C 138 -38.59 -1.80 25.39
N ILE C 139 -37.49 -1.59 26.09
CA ILE C 139 -36.21 -1.42 25.43
C ILE C 139 -35.90 -2.71 24.67
N SER C 140 -36.01 -3.86 25.33
CA SER C 140 -35.76 -5.13 24.69
C SER C 140 -36.72 -5.37 23.50
N SER C 141 -37.92 -4.77 23.55
CA SER C 141 -38.87 -4.93 22.47
C SER C 141 -38.39 -4.22 21.24
N MET C 142 -37.65 -3.15 21.45
CA MET C 142 -37.06 -2.42 20.34
C MET C 142 -35.98 -3.24 19.61
N VAL C 143 -35.17 -3.96 20.37
CA VAL C 143 -34.22 -4.90 19.78
C VAL C 143 -34.95 -5.99 19.04
N LEU C 144 -36.01 -6.53 19.63
CA LEU C 144 -36.73 -7.64 18.99
C LEU C 144 -37.45 -7.20 17.72
N SER C 145 -38.02 -5.98 17.71
CA SER C 145 -38.60 -5.43 16.48
C SER C 145 -37.58 -5.36 15.35
N LYS C 146 -36.36 -4.91 15.66
CA LYS C 146 -35.30 -4.84 14.63
C LYS C 146 -35.03 -6.23 14.08
N MET C 147 -34.94 -7.22 14.95
CA MET C 147 -34.62 -8.57 14.54
C MET C 147 -35.76 -9.10 13.66
N LYS C 148 -36.99 -8.83 14.09
CA LYS C 148 -38.19 -9.23 13.31
C LYS C 148 -38.13 -8.62 11.92
N GLU C 149 -37.88 -7.32 11.84
CA GLU C 149 -37.82 -6.58 10.56
C GLU C 149 -36.66 -6.99 9.64
N THR C 150 -35.54 -7.38 10.24
CA THR C 150 -34.40 -7.93 9.53
C THR C 150 -34.80 -9.20 8.82
N ALA C 151 -35.51 -10.06 9.52
CA ALA C 151 -36.00 -11.31 8.94
C ALA C 151 -36.97 -11.00 7.81
N GLU C 152 -37.87 -10.03 8.01
CA GLU C 152 -38.85 -9.66 6.98
C GLU C 152 -38.22 -9.13 5.69
N ALA C 153 -37.16 -8.32 5.80
CA ALA C 153 -36.48 -7.78 4.62
C ALA C 153 -35.83 -8.91 3.81
N TYR C 154 -35.32 -9.89 4.52
CA TYR C 154 -34.65 -11.03 3.90
C TYR C 154 -35.65 -12.00 3.24
N LEU C 155 -36.74 -12.26 3.94
CA LEU C 155 -37.73 -13.22 3.48
C LEU C 155 -38.68 -12.63 2.47
N GLY C 156 -38.94 -11.33 2.57
CA GLY C 156 -39.88 -10.65 1.71
C GLY C 156 -41.31 -10.96 2.10
N GLN C 157 -41.53 -11.22 3.39
CA GLN C 157 -42.88 -11.44 3.88
C GLN C 157 -42.97 -11.24 5.39
N PRO C 158 -44.21 -11.03 5.90
CA PRO C 158 -44.41 -10.83 7.32
C PRO C 158 -43.83 -11.98 8.16
N VAL C 159 -43.30 -11.65 9.33
CA VAL C 159 -42.83 -12.65 10.28
C VAL C 159 -43.60 -12.40 11.58
N LYS C 160 -44.44 -13.35 11.99
CA LYS C 160 -45.23 -13.22 13.21
C LYS C 160 -44.83 -14.15 14.33
N HIS C 161 -44.12 -15.22 14.01
CA HIS C 161 -43.88 -16.27 14.98
C HIS C 161 -42.39 -16.40 15.31
N ALA C 162 -42.08 -16.55 16.60
CA ALA C 162 -40.69 -16.65 17.04
C ALA C 162 -40.51 -17.57 18.26
N VAL C 163 -39.40 -18.29 18.28
CA VAL C 163 -38.85 -18.78 19.54
C VAL C 163 -37.81 -17.78 19.99
N ILE C 164 -37.87 -17.44 21.29
CA ILE C 164 -36.90 -16.56 21.90
C ILE C 164 -36.19 -17.28 23.05
N THR C 165 -34.92 -16.97 23.23
CA THR C 165 -34.08 -17.69 24.18
C THR C 165 -33.78 -16.85 25.39
N VAL C 166 -33.53 -17.54 26.50
CA VAL C 166 -33.16 -16.93 27.76
C VAL C 166 -32.08 -17.78 28.45
N PRO C 167 -31.35 -17.19 29.40
CA PRO C 167 -30.41 -17.97 30.20
C PRO C 167 -31.14 -19.01 31.06
N ALA C 168 -30.49 -20.11 31.35
CA ALA C 168 -31.15 -21.24 32.07
C ALA C 168 -31.58 -20.88 33.49
N TYR C 169 -30.90 -19.91 34.07
CA TYR C 169 -31.12 -19.49 35.47
C TYR C 169 -32.22 -18.42 35.58
N PHE C 170 -32.75 -17.93 34.45
CA PHE C 170 -33.83 -16.95 34.47
C PHE C 170 -35.03 -17.53 35.22
N ASN C 171 -35.66 -16.72 36.07
CA ASN C 171 -36.87 -17.16 36.78
C ASN C 171 -38.15 -16.86 35.98
N ASP C 172 -39.31 -17.22 36.53
CA ASP C 172 -40.60 -16.99 35.85
C ASP C 172 -40.79 -15.55 35.51
N SER C 173 -40.50 -14.69 36.45
CA SER C 173 -40.68 -13.27 36.24
C SER C 173 -39.75 -12.76 35.08
N GLN C 174 -38.56 -13.32 34.94
CA GLN C 174 -37.65 -12.87 33.88
C GLN C 174 -38.10 -13.42 32.51
N ARG C 175 -38.58 -14.65 32.53
CA ARG C 175 -39.13 -15.31 31.33
C ARG C 175 -40.38 -14.63 30.83
N GLN C 176 -41.28 -14.31 31.75
CA GLN C 176 -42.51 -13.61 31.42
C GLN C 176 -42.21 -12.25 30.82
N ALA C 177 -41.29 -11.48 31.44
CA ALA C 177 -40.94 -10.14 30.90
C ALA C 177 -40.33 -10.22 29.50
N THR C 178 -39.67 -11.33 29.19
CA THR C 178 -39.07 -11.54 27.87
C THR C 178 -40.15 -11.87 26.83
N LYS C 179 -41.10 -12.71 27.22
CA LYS C 179 -42.32 -12.98 26.45
C LYS C 179 -43.07 -11.68 26.14
N ASP C 180 -43.21 -10.81 27.15
CA ASP C 180 -43.89 -9.53 26.97
C ASP C 180 -43.15 -8.69 25.92
N ALA C 181 -41.81 -8.70 25.98
CA ALA C 181 -41.00 -7.94 25.03
C ALA C 181 -41.31 -8.38 23.60
N GLY C 182 -41.37 -9.70 23.38
CA GLY C 182 -41.72 -10.19 22.06
C GLY C 182 -43.13 -9.83 21.63
N ALA C 183 -44.07 -9.81 22.58
CA ALA C 183 -45.47 -9.49 22.30
C ALA C 183 -45.54 -8.02 21.92
N ILE C 184 -44.81 -7.18 22.65
CA ILE C 184 -44.75 -5.76 22.33
C ILE C 184 -44.21 -5.55 20.90
N ALA C 185 -43.28 -6.39 20.45
CA ALA C 185 -42.68 -6.22 19.15
C ALA C 185 -43.53 -6.82 18.04
N GLY C 186 -44.68 -7.43 18.37
CA GLY C 186 -45.61 -7.97 17.35
C GLY C 186 -45.38 -9.44 17.04
N LEU C 187 -44.70 -10.15 17.94
CA LEU C 187 -44.41 -11.53 17.67
C LEU C 187 -45.32 -12.37 18.52
N ASN C 188 -45.75 -13.49 17.98
CA ASN C 188 -46.32 -14.57 18.75
C ASN C 188 -45.15 -15.47 19.19
N VAL C 189 -44.89 -15.50 20.49
CA VAL C 189 -43.76 -16.23 21.01
C VAL C 189 -44.19 -17.69 21.13
N LEU C 190 -43.69 -18.55 20.25
CA LEU C 190 -44.09 -19.95 20.29
C LEU C 190 -43.66 -20.60 21.58
N ARG C 191 -42.50 -20.19 22.09
CA ARG C 191 -41.86 -20.81 23.25
C ARG C 191 -40.62 -20.00 23.67
N ILE C 192 -40.41 -19.92 24.98
CA ILE C 192 -39.16 -19.41 25.51
C ILE C 192 -38.34 -20.65 25.82
N ILE C 193 -37.18 -20.83 25.19
CA ILE C 193 -36.30 -21.95 25.55
C ILE C 193 -34.93 -21.48 26.07
N ASN C 194 -34.27 -22.35 26.83
CA ASN C 194 -32.96 -22.07 27.40
C ASN C 194 -31.87 -21.96 26.35
N GLU C 195 -30.98 -20.98 26.55
CA GLU C 195 -29.84 -20.77 25.65
C GLU C 195 -29.00 -22.07 25.48
N PRO C 196 -28.55 -22.69 26.59
CA PRO C 196 -27.81 -23.93 26.39
C PRO C 196 -28.58 -25.00 25.58
N THR C 197 -29.88 -25.11 25.80
CA THR C 197 -30.70 -26.06 25.07
C THR C 197 -30.73 -25.71 23.57
N ALA C 198 -30.87 -24.43 23.27
CA ALA C 198 -30.85 -23.98 21.91
C ALA C 198 -29.55 -24.38 21.24
N ALA C 199 -28.45 -24.15 21.95
CA ALA C 199 -27.12 -24.45 21.42
C ALA C 199 -27.02 -25.92 21.06
N ALA C 200 -27.54 -26.78 21.92
CA ALA C 200 -27.50 -28.25 21.70
C ALA C 200 -28.38 -28.63 20.51
N ILE C 201 -29.58 -28.04 20.42
CA ILE C 201 -30.47 -28.29 19.28
C ILE C 201 -29.80 -27.93 17.92
N ALA C 202 -29.02 -26.85 17.91
CA ALA C 202 -28.31 -26.38 16.70
C ALA C 202 -27.39 -27.43 16.14
N TYR C 203 -26.74 -28.16 17.02
CA TYR C 203 -25.84 -29.22 16.64
C TYR C 203 -26.53 -30.59 16.47
N GLY C 204 -27.84 -30.63 16.63
CA GLY C 204 -28.56 -31.91 16.45
C GLY C 204 -28.27 -32.89 17.56
N LEU C 205 -27.94 -32.39 18.74
CA LEU C 205 -27.44 -33.27 19.79
C LEU C 205 -28.59 -34.10 20.38
N ASP C 206 -29.82 -33.61 20.22
CA ASP C 206 -31.03 -34.36 20.58
C ASP C 206 -31.43 -35.44 19.58
N ARG C 207 -30.66 -35.60 18.50
CA ARG C 207 -31.00 -36.54 17.42
C ARG C 207 -29.89 -37.56 17.21
N ARG C 208 -29.18 -37.95 18.28
CA ARG C 208 -28.00 -38.81 18.12
C ARG C 208 -28.24 -40.23 18.64
N GLY C 209 -29.47 -40.57 19.00
CA GLY C 209 -29.79 -41.97 19.24
C GLY C 209 -30.56 -42.13 20.50
N ALA C 210 -30.80 -43.38 20.87
CA ALA C 210 -31.68 -43.67 22.00
C ALA C 210 -31.01 -43.44 23.36
N GLY C 211 -29.69 -43.62 23.46
CA GLY C 211 -29.02 -43.51 24.76
C GLY C 211 -29.03 -42.08 25.26
N GLU C 212 -28.82 -41.89 26.56
CA GLU C 212 -28.79 -40.57 27.14
C GLU C 212 -27.56 -39.84 26.64
N ARG C 213 -27.74 -38.58 26.27
CA ARG C 213 -26.65 -37.76 25.73
C ARG C 213 -26.29 -36.70 26.77
N ASN C 214 -25.03 -36.65 27.18
CA ASN C 214 -24.53 -35.64 28.13
C ASN C 214 -23.74 -34.58 27.40
N VAL C 215 -24.12 -33.31 27.62
CA VAL C 215 -23.57 -32.19 26.87
C VAL C 215 -23.07 -31.10 27.83
N LEU C 216 -21.91 -30.54 27.53
CA LEU C 216 -21.47 -29.36 28.28
C LEU C 216 -21.45 -28.15 27.32
N ILE C 217 -22.17 -27.11 27.71
CA ILE C 217 -22.18 -25.85 26.97
C ILE C 217 -21.27 -24.88 27.69
N PHE C 218 -20.28 -24.38 26.98
CA PHE C 218 -19.32 -23.40 27.47
C PHE C 218 -19.59 -22.12 26.71
N ASP C 219 -20.20 -21.17 27.40
CA ASP C 219 -20.74 -19.98 26.79
C ASP C 219 -20.10 -18.72 27.40
N LEU C 220 -19.09 -18.22 26.71
CA LEU C 220 -18.35 -17.05 27.15
C LEU C 220 -18.72 -15.96 26.18
N GLY C 221 -19.57 -15.04 26.67
CA GLY C 221 -20.18 -14.00 25.85
C GLY C 221 -19.52 -12.64 25.97
N GLY C 222 -20.32 -11.61 25.76
CA GLY C 222 -19.88 -10.25 25.85
C GLY C 222 -19.89 -9.75 27.26
N GLY C 223 -20.83 -10.25 28.05
CA GLY C 223 -21.03 -9.77 29.42
C GLY C 223 -21.11 -10.85 30.48
N THR C 224 -21.47 -12.07 30.07
CA THR C 224 -21.73 -13.18 30.98
C THR C 224 -21.03 -14.45 30.57
N PHE C 225 -20.71 -15.27 31.57
CA PHE C 225 -20.10 -16.55 31.34
C PHE C 225 -21.00 -17.61 31.97
N ASP C 226 -21.49 -18.53 31.15
CA ASP C 226 -22.38 -19.61 31.58
C ASP C 226 -21.87 -20.99 31.14
N VAL C 227 -21.75 -21.90 32.11
CA VAL C 227 -21.47 -23.29 31.83
C VAL C 227 -22.72 -24.06 32.23
N SER C 228 -23.21 -24.89 31.31
CA SER C 228 -24.41 -25.69 31.58
C SER C 228 -24.13 -27.14 31.24
N VAL C 229 -24.54 -28.05 32.10
CA VAL C 229 -24.52 -29.44 31.80
C VAL C 229 -25.96 -29.93 31.59
N LEU C 230 -26.18 -30.58 30.44
CA LEU C 230 -27.51 -31.03 30.02
C LEU C 230 -27.47 -32.53 29.84
N SER C 231 -28.59 -33.19 30.19
CA SER C 231 -28.86 -34.54 29.71
C SER C 231 -30.01 -34.52 28.72
N ILE C 232 -29.82 -35.20 27.60
CA ILE C 232 -30.83 -35.28 26.58
C ILE C 232 -31.35 -36.73 26.55
N ASP C 233 -32.61 -36.92 26.93
CA ASP C 233 -33.27 -38.22 26.94
C ASP C 233 -34.46 -38.25 26.00
N ALA C 234 -34.34 -38.94 24.87
CA ALA C 234 -35.44 -39.01 23.89
C ALA C 234 -35.93 -37.60 23.56
N GLY C 235 -35.03 -36.71 23.18
CA GLY C 235 -35.39 -35.34 22.78
C GLY C 235 -35.77 -34.42 23.93
N VAL C 236 -35.83 -34.94 25.15
CA VAL C 236 -36.19 -34.15 26.30
C VAL C 236 -34.91 -33.69 26.98
N PHE C 237 -34.88 -32.39 27.26
CA PHE C 237 -33.71 -31.74 27.82
C PHE C 237 -33.91 -31.55 29.28
N GLU C 238 -32.89 -31.90 30.04
CA GLU C 238 -32.85 -31.59 31.43
C GLU C 238 -31.54 -30.89 31.75
N VAL C 239 -31.63 -29.73 32.39
CA VAL C 239 -30.47 -29.00 32.88
C VAL C 239 -30.01 -29.59 34.21
N LYS C 240 -28.85 -30.24 34.20
CA LYS C 240 -28.36 -30.94 35.38
C LYS C 240 -27.51 -30.05 36.30
N ALA C 241 -26.85 -29.05 35.74
CA ALA C 241 -26.06 -28.12 36.53
C ALA C 241 -25.76 -26.89 35.72
N THR C 242 -25.62 -25.77 36.44
CA THR C 242 -25.21 -24.52 35.88
C THR C 242 -24.15 -23.90 36.83
N ALA C 243 -23.14 -23.29 36.21
CA ALA C 243 -22.19 -22.45 36.93
C ALA C 243 -21.73 -21.31 35.97
N GLY C 244 -20.86 -20.45 36.46
CA GLY C 244 -20.39 -19.32 35.70
C GLY C 244 -20.30 -18.01 36.47
N ASP C 245 -20.35 -16.90 35.76
CA ASP C 245 -20.21 -15.58 36.38
C ASP C 245 -20.92 -14.60 35.48
N THR C 246 -21.93 -13.92 36.01
CA THR C 246 -22.70 -12.96 35.25
C THR C 246 -21.96 -11.65 35.00
N HIS C 247 -20.74 -11.52 35.50
CA HIS C 247 -19.89 -10.34 35.29
C HIS C 247 -18.52 -10.67 34.75
N LEU C 248 -18.47 -11.65 33.85
CA LEU C 248 -17.24 -12.04 33.16
C LEU C 248 -17.62 -12.29 31.72
N GLY C 249 -17.02 -11.49 30.84
CA GLY C 249 -17.14 -11.70 29.43
C GLY C 249 -16.19 -10.87 28.63
N GLY C 250 -16.43 -10.82 27.33
CA GLY C 250 -15.58 -10.12 26.39
C GLY C 250 -15.34 -8.65 26.69
N GLU C 251 -16.33 -7.98 27.29
CA GLU C 251 -16.20 -6.58 27.64
C GLU C 251 -15.10 -6.36 28.70
N ASP C 252 -14.86 -7.40 29.52
CA ASP C 252 -13.78 -7.37 30.51
C ASP C 252 -12.40 -7.53 29.87
N PHE C 253 -12.32 -8.25 28.74
CA PHE C 253 -11.07 -8.32 27.99
C PHE C 253 -10.85 -6.99 27.28
N ASP C 254 -11.93 -6.41 26.77
CA ASP C 254 -11.82 -5.08 26.15
C ASP C 254 -11.27 -4.08 27.17
N ASN C 255 -11.73 -4.18 28.42
CA ASN C 255 -11.27 -3.31 29.50
C ASN C 255 -9.78 -3.45 29.81
N ARG C 256 -9.27 -4.67 29.80
CA ARG C 256 -7.83 -4.96 29.94
C ARG C 256 -7.01 -4.34 28.81
N LEU C 257 -7.54 -4.38 27.60
CA LEU C 257 -6.89 -3.69 26.50
C LEU C 257 -6.97 -2.18 26.67
N VAL C 258 -8.11 -1.67 27.10
CA VAL C 258 -8.24 -0.23 27.32
C VAL C 258 -7.17 0.27 28.31
N ASN C 259 -6.97 -0.49 29.39
CA ASN C 259 -6.05 -0.04 30.44
C ASN C 259 -4.63 -0.07 29.92
N HIS C 260 -4.30 -1.12 29.16
CA HIS C 260 -3.02 -1.25 28.52
C HIS C 260 -2.72 -0.08 27.58
N PHE C 261 -3.68 0.23 26.70
CA PHE C 261 -3.52 1.25 25.69
C PHE C 261 -3.62 2.68 26.20
N MET C 262 -4.33 2.90 27.29
CA MET C 262 -4.37 4.25 27.81
C MET C 262 -2.98 4.66 28.38
N GLU C 263 -2.31 3.66 28.97
CA GLU C 263 -0.96 3.79 29.52
C GLU C 263 0.04 3.98 28.38
N GLU C 264 -0.12 3.19 27.32
CA GLU C 264 0.73 3.36 26.17
C GLU C 264 0.58 4.76 25.54
N PHE C 265 -0.65 5.25 25.43
CA PHE C 265 -0.94 6.61 24.95
C PHE C 265 -0.27 7.69 25.80
N ARG C 266 -0.31 7.51 27.12
CA ARG C 266 0.26 8.50 28.03
C ARG C 266 1.78 8.56 27.84
N ARG C 267 2.42 7.42 27.74
CA ARG C 267 3.84 7.36 27.42
C ARG C 267 4.17 7.85 26.01
N LYS C 268 3.34 7.54 25.01
CA LYS C 268 3.66 7.91 23.63
C LYS C 268 3.42 9.39 23.38
N HIS C 269 2.36 9.95 23.94
CA HIS C 269 1.96 11.31 23.60
C HIS C 269 1.98 12.25 24.80
N GLY C 270 2.32 11.75 25.98
CA GLY C 270 2.47 12.63 27.14
C GLY C 270 1.17 13.24 27.60
N LYS C 271 0.06 12.56 27.38
CA LYS C 271 -1.26 13.07 27.79
C LYS C 271 -2.05 11.97 28.45
N ASP C 272 -2.87 12.36 29.41
CA ASP C 272 -3.61 11.40 30.20
C ASP C 272 -5.07 11.55 29.82
N LEU C 273 -5.64 10.54 29.18
CA LEU C 273 -7.04 10.62 28.70
C LEU C 273 -8.03 10.02 29.68
N SER C 274 -7.53 9.59 30.84
CA SER C 274 -8.28 8.75 31.78
C SER C 274 -9.38 9.49 32.53
N GLY C 275 -9.45 10.80 32.37
CA GLY C 275 -10.58 11.56 32.90
C GLY C 275 -11.52 12.08 31.82
N ASN C 276 -11.39 11.54 30.59
CA ASN C 276 -12.21 11.94 29.44
C ASN C 276 -12.98 10.71 28.96
N LYS C 277 -14.28 10.74 29.23
CA LYS C 277 -15.17 9.62 28.98
C LYS C 277 -15.36 9.38 27.49
N ARG C 278 -15.41 10.44 26.69
CA ARG C 278 -15.50 10.26 25.24
C ARG C 278 -14.26 9.47 24.72
N ALA C 279 -13.08 9.93 25.10
CA ALA C 279 -11.83 9.24 24.69
C ALA C 279 -11.82 7.77 25.14
N LEU C 280 -12.22 7.49 26.38
CA LEU C 280 -12.19 6.13 26.86
C LEU C 280 -13.17 5.25 26.06
N ARG C 281 -14.32 5.80 25.71
CA ARG C 281 -15.32 5.02 24.96
C ARG C 281 -14.89 4.76 23.52
N ARG C 282 -14.24 5.75 22.92
CA ARG C 282 -13.68 5.57 21.59
CA ARG C 282 -13.69 5.57 21.58
C ARG C 282 -12.54 4.55 21.58
N LEU C 283 -11.74 4.56 22.65
CA LEU C 283 -10.66 3.61 22.83
C LEU C 283 -11.23 2.21 22.97
N ARG C 284 -12.27 2.09 23.78
CA ARG C 284 -12.94 0.82 23.99
C ARG C 284 -13.46 0.22 22.66
N THR C 285 -14.13 1.03 21.84
CA THR C 285 -14.61 0.54 20.53
C THR C 285 -13.46 -0.07 19.72
N ALA C 286 -12.34 0.66 19.65
CA ALA C 286 -11.19 0.25 18.88
C ALA C 286 -10.53 -0.98 19.50
N CYS C 287 -10.55 -1.09 20.84
CA CYS C 287 -10.06 -2.31 21.48
C CYS C 287 -10.87 -3.55 21.12
N GLU C 288 -12.20 -3.39 21.07
CA GLU C 288 -13.08 -4.50 20.74
C GLU C 288 -12.73 -5.02 19.37
N ARG C 289 -12.53 -4.11 18.43
CA ARG C 289 -12.15 -4.47 17.07
C ARG C 289 -10.81 -5.18 17.01
N ALA C 290 -9.78 -4.62 17.65
CA ALA C 290 -8.46 -5.29 17.70
C ALA C 290 -8.56 -6.69 18.30
N LYS C 291 -9.27 -6.81 19.41
CA LYS C 291 -9.49 -8.11 20.04
C LYS C 291 -10.03 -9.11 19.06
N ARG C 292 -11.07 -8.73 18.32
CA ARG C 292 -11.67 -9.68 17.37
C ARG C 292 -10.65 -10.06 16.31
N THR C 293 -9.91 -9.08 15.78
CA THR C 293 -8.86 -9.37 14.78
C THR C 293 -7.84 -10.42 15.26
N LEU C 294 -7.49 -10.34 16.54
CA LEU C 294 -6.54 -11.26 17.15
C LEU C 294 -7.04 -12.73 17.26
N SER C 295 -8.33 -12.97 16.99
CA SER C 295 -8.79 -14.35 16.85
C SER C 295 -8.39 -14.98 15.51
N SER C 296 -8.07 -14.17 14.50
CA SER C 296 -7.63 -14.68 13.18
C SER C 296 -6.19 -14.35 12.81
N SER C 297 -5.55 -13.36 13.43
CA SER C 297 -4.15 -13.01 13.13
C SER C 297 -3.37 -12.97 14.42
N THR C 298 -2.06 -13.03 14.29
CA THR C 298 -1.19 -13.05 15.44
C THR C 298 -0.87 -11.63 15.92
N GLN C 299 -1.31 -10.62 15.19
CA GLN C 299 -1.14 -9.24 15.59
C GLN C 299 -2.28 -8.39 15.06
N ALA C 300 -2.56 -7.25 15.71
CA ALA C 300 -3.63 -6.36 15.26
C ALA C 300 -3.25 -4.90 15.46
N THR C 301 -3.76 -4.04 14.59
CA THR C 301 -3.56 -2.63 14.67
C THR C 301 -4.69 -2.02 15.46
N LEU C 302 -4.45 -0.82 15.94
CA LEU C 302 -5.47 -0.05 16.67
C LEU C 302 -5.28 1.37 16.24
N GLU C 303 -6.33 1.97 15.69
CA GLU C 303 -6.19 3.19 14.90
C GLU C 303 -7.37 4.10 15.19
N ILE C 304 -7.11 5.25 15.83
CA ILE C 304 -8.13 6.21 16.19
C ILE C 304 -7.66 7.60 15.79
N ASP C 305 -8.47 8.29 15.01
CA ASP C 305 -8.23 9.68 14.72
C ASP C 305 -8.78 10.53 15.89
N SER C 306 -8.00 11.54 16.32
CA SER C 306 -8.48 12.50 17.33
C SER C 306 -8.97 11.83 18.60
N LEU C 307 -8.16 10.92 19.13
CA LEU C 307 -8.53 10.24 20.34
C LEU C 307 -8.77 11.26 21.46
N PHE C 308 -7.79 12.14 21.68
CA PHE C 308 -7.83 13.05 22.82
C PHE C 308 -7.04 14.32 22.55
N GLU C 309 -7.70 15.46 22.73
CA GLU C 309 -7.07 16.77 22.50
C GLU C 309 -6.44 16.82 21.11
N GLY C 310 -7.19 16.34 20.12
CA GLY C 310 -6.77 16.37 18.73
C GLY C 310 -5.66 15.40 18.36
N VAL C 311 -5.22 14.55 19.29
CA VAL C 311 -4.12 13.63 18.97
C VAL C 311 -4.62 12.27 18.49
N ASP C 312 -4.14 11.88 17.31
CA ASP C 312 -4.41 10.57 16.74
C ASP C 312 -3.63 9.53 17.53
N PHE C 313 -4.17 8.31 17.55
CA PHE C 313 -3.51 7.17 18.18
C PHE C 313 -3.51 5.95 17.26
N TYR C 314 -2.31 5.62 16.77
CA TYR C 314 -2.11 4.51 15.84
C TYR C 314 -1.03 3.60 16.37
N THR C 315 -1.36 2.33 16.63
CA THR C 315 -0.43 1.40 17.26
C THR C 315 -0.83 -0.03 16.91
N SER C 316 -0.20 -1.00 17.56
CA SER C 316 -0.54 -2.41 17.35
C SER C 316 -0.25 -3.23 18.60
N ILE C 317 -0.69 -4.49 18.59
CA ILE C 317 -0.55 -5.40 19.72
C ILE C 317 -0.54 -6.83 19.15
N THR C 318 0.28 -7.70 19.73
CA THR C 318 0.33 -9.09 19.31
C THR C 318 -0.74 -9.86 20.08
N ARG C 319 -1.08 -11.01 19.52
CA ARG C 319 -1.92 -11.97 20.19
C ARG C 319 -1.31 -12.43 21.52
N ALA C 320 0.01 -12.71 21.54
CA ALA C 320 0.67 -13.19 22.75
C ALA C 320 0.48 -12.17 23.87
N ARG C 321 0.62 -10.89 23.54
CA ARG C 321 0.47 -9.86 24.58
C ARG C 321 -0.97 -9.75 25.11
N PHE C 322 -1.95 -9.86 24.21
CA PHE C 322 -3.35 -9.89 24.62
C PHE C 322 -3.62 -11.03 25.59
N GLU C 323 -3.10 -12.22 25.27
CA GLU C 323 -3.25 -13.42 26.11
C GLU C 323 -2.66 -13.18 27.49
N GLU C 324 -1.50 -12.54 27.54
CA GLU C 324 -0.90 -12.23 28.84
C GLU C 324 -1.78 -11.24 29.59
N LEU C 325 -2.31 -10.24 28.92
CA LEU C 325 -3.12 -9.22 29.62
C LEU C 325 -4.44 -9.80 30.20
N CYS C 326 -4.88 -10.95 29.69
CA CYS C 326 -6.15 -11.55 30.12
C CYS C 326 -5.96 -12.93 30.70
N SER C 327 -4.72 -13.37 30.95
CA SER C 327 -4.46 -14.78 31.28
C SER C 327 -5.21 -15.26 32.52
N ASP C 328 -5.26 -14.43 33.58
CA ASP C 328 -6.01 -14.77 34.80
C ASP C 328 -7.48 -14.96 34.45
N LEU C 329 -8.03 -14.11 33.60
CA LEU C 329 -9.46 -14.21 33.29
C LEU C 329 -9.75 -15.47 32.46
N PHE C 330 -8.86 -15.81 31.55
CA PHE C 330 -9.07 -16.97 30.69
C PHE C 330 -8.98 -18.22 31.52
N ARG C 331 -7.93 -18.31 32.34
CA ARG C 331 -7.79 -19.42 33.27
C ARG C 331 -8.95 -19.56 34.25
N SER C 332 -9.53 -18.46 34.70
CA SER C 332 -10.64 -18.56 35.66
C SER C 332 -11.89 -19.26 35.08
N THR C 333 -12.01 -19.41 33.76
CA THR C 333 -13.21 -20.08 33.18
C THR C 333 -13.25 -21.59 33.42
N LEU C 334 -12.11 -22.19 33.74
CA LEU C 334 -12.06 -23.63 33.99
C LEU C 334 -12.70 -24.03 35.32
N GLU C 335 -12.66 -23.16 36.33
CA GLU C 335 -13.27 -23.48 37.64
C GLU C 335 -14.74 -23.82 37.52
N PRO C 336 -15.53 -22.94 36.87
CA PRO C 336 -16.94 -23.29 36.75
C PRO C 336 -17.20 -24.57 35.97
N VAL C 337 -16.33 -24.92 35.03
CA VAL C 337 -16.48 -26.18 34.30
C VAL C 337 -16.37 -27.32 35.29
N GLU C 338 -15.32 -27.30 36.12
CA GLU C 338 -15.14 -28.33 37.16
C GLU C 338 -16.34 -28.39 38.06
N LYS C 339 -16.82 -27.21 38.41
CA LYS C 339 -17.91 -27.09 39.34
C LYS C 339 -19.22 -27.64 38.76
N ALA C 340 -19.53 -27.30 37.52
CA ALA C 340 -20.78 -27.77 36.91
C ALA C 340 -20.72 -29.27 36.71
N LEU C 341 -19.56 -29.82 36.38
CA LEU C 341 -19.43 -31.27 36.20
C LEU C 341 -19.61 -32.00 37.54
N ARG C 342 -19.04 -31.42 38.59
CA ARG C 342 -19.19 -31.95 39.95
C ARG C 342 -20.63 -31.91 40.42
N ASP C 343 -21.30 -30.77 40.23
CA ASP C 343 -22.72 -30.71 40.55
C ASP C 343 -23.56 -31.69 39.71
N ALA C 344 -23.23 -31.88 38.44
CA ALA C 344 -23.92 -32.86 37.60
C ALA C 344 -23.58 -34.30 38.00
N LYS C 345 -22.57 -34.48 38.86
CA LYS C 345 -22.11 -35.81 39.20
C LYS C 345 -21.59 -36.55 37.98
N LEU C 346 -20.96 -35.83 37.06
CA LEU C 346 -20.37 -36.47 35.88
C LEU C 346 -18.88 -36.17 35.88
N ASP C 347 -18.12 -37.16 35.45
CA ASP C 347 -16.74 -37.02 35.01
C ASP C 347 -16.72 -36.37 33.63
N LYS C 348 -15.65 -35.62 33.34
CA LYS C 348 -15.50 -34.98 32.02
C LYS C 348 -15.54 -35.98 30.88
N ALA C 349 -15.08 -37.22 31.15
CA ALA C 349 -15.10 -38.29 30.18
C ALA C 349 -16.50 -38.87 29.90
N GLN C 350 -17.50 -38.50 30.69
CA GLN C 350 -18.87 -38.92 30.48
C GLN C 350 -19.63 -37.92 29.60
N ILE C 351 -19.02 -36.78 29.30
CA ILE C 351 -19.59 -35.79 28.41
C ILE C 351 -19.38 -36.24 26.96
N HIS C 352 -20.47 -36.39 26.21
CA HIS C 352 -20.39 -36.72 24.78
C HIS C 352 -20.05 -35.54 23.91
N ASP C 353 -20.64 -34.38 24.18
CA ASP C 353 -20.41 -33.21 23.34
C ASP C 353 -20.05 -31.98 24.17
N VAL C 354 -19.01 -31.27 23.75
CA VAL C 354 -18.65 -29.99 24.34
C VAL C 354 -18.86 -28.94 23.28
N VAL C 355 -19.64 -27.92 23.62
CA VAL C 355 -20.14 -26.95 22.66
C VAL C 355 -19.72 -25.53 23.05
N LEU C 356 -19.05 -24.87 22.12
CA LEU C 356 -18.66 -23.47 22.32
C LEU C 356 -19.79 -22.55 21.82
N VAL C 357 -20.19 -21.66 22.72
CA VAL C 357 -21.19 -20.66 22.48
C VAL C 357 -20.63 -19.32 22.94
N GLY C 358 -21.08 -18.25 22.31
CA GLY C 358 -20.69 -16.90 22.69
C GLY C 358 -19.45 -16.46 21.95
N GLY C 359 -19.37 -15.18 21.62
CA GLY C 359 -18.34 -14.70 20.68
C GLY C 359 -16.93 -14.81 21.24
N SER C 360 -16.79 -14.79 22.57
CA SER C 360 -15.48 -14.90 23.20
C SER C 360 -14.85 -16.28 23.03
N THR C 361 -15.64 -17.32 22.69
CA THR C 361 -15.06 -18.65 22.45
C THR C 361 -14.33 -18.77 21.12
N ARG C 362 -14.42 -17.74 20.29
CA ARG C 362 -13.57 -17.65 19.12
C ARG C 362 -12.10 -17.35 19.46
N ILE C 363 -11.81 -16.93 20.68
CA ILE C 363 -10.45 -16.62 21.07
C ILE C 363 -9.60 -17.91 21.13
N PRO C 364 -8.54 -17.99 20.31
CA PRO C 364 -7.80 -19.25 20.25
C PRO C 364 -7.29 -19.77 21.58
N LYS C 365 -6.85 -18.89 22.47
CA LYS C 365 -6.42 -19.32 23.79
C LYS C 365 -7.55 -19.95 24.62
N VAL C 366 -8.79 -19.49 24.45
CA VAL C 366 -9.88 -20.01 25.27
C VAL C 366 -10.19 -21.44 24.82
N GLN C 367 -10.20 -21.61 23.50
CA GLN C 367 -10.43 -22.92 22.91
C GLN C 367 -9.34 -23.90 23.37
N LYS C 368 -8.08 -23.47 23.30
CA LYS C 368 -6.97 -24.34 23.71
C LYS C 368 -7.07 -24.73 25.18
N LEU C 369 -7.36 -23.77 26.05
CA LEU C 369 -7.59 -24.08 27.47
C LEU C 369 -8.67 -25.16 27.68
N LEU C 370 -9.78 -25.03 26.95
CA LEU C 370 -10.91 -25.91 27.15
C LEU C 370 -10.62 -27.29 26.58
N GLN C 371 -10.04 -27.37 25.39
CA GLN C 371 -9.71 -28.67 24.79
C GLN C 371 -8.68 -29.42 25.64
N ASP C 372 -7.68 -28.68 26.14
CA ASP C 372 -6.70 -29.25 27.07
C ASP C 372 -7.37 -29.78 28.32
N PHE C 373 -8.31 -29.03 28.89
CA PHE C 373 -9.04 -29.52 30.07
C PHE C 373 -9.79 -30.83 29.74
N PHE C 374 -10.29 -30.96 28.51
CA PHE C 374 -10.99 -32.17 28.11
C PHE C 374 -10.05 -33.18 27.47
N ASN C 375 -8.75 -33.04 27.70
CA ASN C 375 -7.76 -34.04 27.25
C ASN C 375 -7.75 -34.29 25.75
N GLY C 376 -7.92 -33.21 24.97
CA GLY C 376 -7.82 -33.26 23.52
C GLY C 376 -9.12 -33.54 22.76
N LYS C 377 -10.23 -33.69 23.49
CA LYS C 377 -11.53 -33.91 22.87
C LYS C 377 -11.80 -32.79 21.84
N GLU C 378 -12.37 -33.17 20.68
CA GLU C 378 -12.81 -32.21 19.65
C GLU C 378 -13.94 -31.39 20.22
N LEU C 379 -13.85 -30.08 20.07
CA LEU C 379 -14.92 -29.18 20.51
C LEU C 379 -15.86 -28.88 19.34
N ASN C 380 -17.15 -28.76 19.62
CA ASN C 380 -18.14 -28.34 18.63
C ASN C 380 -18.10 -26.83 18.43
N LYS C 381 -17.65 -26.42 17.26
CA LYS C 381 -17.54 -25.02 16.95
C LYS C 381 -17.69 -24.70 15.46
N SER C 382 -18.25 -25.62 14.68
CA SER C 382 -18.37 -25.37 13.25
C SER C 382 -19.51 -24.37 12.95
N ILE C 383 -20.42 -24.18 13.90
CA ILE C 383 -21.34 -23.05 13.88
C ILE C 383 -20.74 -21.91 14.69
N ASN C 384 -20.61 -20.73 14.08
CA ASN C 384 -20.09 -19.54 14.73
C ASN C 384 -20.68 -19.44 16.14
N PRO C 385 -19.84 -19.45 17.18
CA PRO C 385 -20.40 -19.55 18.55
C PRO C 385 -21.36 -18.43 18.95
N ASP C 386 -21.18 -17.23 18.40
CA ASP C 386 -22.10 -16.14 18.66
C ASP C 386 -23.41 -16.26 17.87
N GLU C 387 -23.51 -17.28 17.02
CA GLU C 387 -24.73 -17.55 16.24
C GLU C 387 -25.45 -18.82 16.67
N ALA C 388 -24.81 -19.68 17.45
CA ALA C 388 -25.35 -21.01 17.79
C ALA C 388 -26.72 -20.99 18.50
N VAL C 389 -26.92 -20.02 19.40
CA VAL C 389 -28.16 -19.91 20.16
C VAL C 389 -29.32 -19.55 19.21
N ALA C 390 -29.15 -18.51 18.37
CA ALA C 390 -30.16 -18.19 17.35
C ALA C 390 -30.43 -19.35 16.40
N TYR C 391 -29.36 -20.00 15.97
CA TYR C 391 -29.45 -21.17 15.07
C TYR C 391 -30.38 -22.24 15.63
N GLY C 392 -30.18 -22.58 16.90
CA GLY C 392 -31.00 -23.59 17.58
C GLY C 392 -32.44 -23.18 17.77
N ALA C 393 -32.63 -21.91 18.14
CA ALA C 393 -33.96 -21.33 18.27
C ALA C 393 -34.71 -21.43 16.96
N ALA C 394 -34.00 -21.23 15.83
CA ALA C 394 -34.61 -21.26 14.52
C ALA C 394 -35.05 -22.68 14.16
N VAL C 395 -34.21 -23.65 14.47
CA VAL C 395 -34.59 -25.08 14.30
C VAL C 395 -35.82 -25.40 15.12
N GLN C 396 -35.82 -24.99 16.39
CA GLN C 396 -36.91 -25.32 17.26
C GLN C 396 -38.21 -24.62 16.81
N ALA C 397 -38.10 -23.39 16.32
CA ALA C 397 -39.26 -22.64 15.80
C ALA C 397 -39.91 -23.38 14.63
N ALA C 398 -39.08 -23.90 13.73
CA ALA C 398 -39.55 -24.69 12.56
C ALA C 398 -40.22 -25.98 13.00
N VAL C 399 -39.60 -26.66 13.96
CA VAL C 399 -40.20 -27.86 14.59
C VAL C 399 -41.57 -27.52 15.18
N LEU C 400 -41.67 -26.42 15.92
CA LEU C 400 -42.96 -26.08 16.53
C LEU C 400 -44.01 -25.63 15.51
N MET C 401 -43.59 -25.19 14.32
CA MET C 401 -44.55 -24.85 13.27
C MET C 401 -44.95 -26.13 12.54
N GLY C 402 -44.36 -27.26 12.90
CA GLY C 402 -44.59 -28.49 12.18
C GLY C 402 -43.78 -28.48 10.88
PB ADP D . 35.55 3.62 -18.05
O1B ADP D . 36.17 4.97 -17.74
O2B ADP D . 34.05 3.59 -17.79
O3B ADP D . 36.22 2.41 -17.55
PA ADP D . 35.45 2.31 -20.59
O1A ADP D . 35.18 2.85 -21.96
O2A ADP D . 34.52 1.33 -19.95
O3A ADP D . 35.66 3.58 -19.66
O5' ADP D . 36.86 1.58 -20.58
C5' ADP D . 37.95 2.21 -21.22
C4' ADP D . 39.08 1.21 -21.27
O4' ADP D . 38.73 0.26 -22.25
C3' ADP D . 40.40 1.82 -21.74
O3' ADP D . 41.46 1.18 -21.01
C2' ADP D . 40.46 1.46 -23.21
O2' ADP D . 41.80 1.36 -23.70
C1' ADP D . 39.81 0.10 -23.14
N9 ADP D . 39.34 -0.38 -24.42
C8 ADP D . 38.47 0.25 -25.26
N7 ADP D . 38.30 -0.52 -26.38
C5 ADP D . 39.04 -1.65 -26.24
C6 ADP D . 39.31 -2.87 -27.04
N6 ADP D . 38.72 -3.00 -28.23
N1 ADP D . 40.14 -3.83 -26.53
C2 ADP D . 40.75 -3.67 -25.34
N3 ADP D . 40.54 -2.58 -24.57
C4 ADP D . 39.72 -1.56 -24.94
P PO4 E . 34.06 3.71 -13.88
O1 PO4 E . 33.14 3.43 -12.70
O2 PO4 E . 35.47 3.78 -13.30
O3 PO4 E . 33.88 2.59 -14.88
O4 PO4 E . 33.73 5.04 -14.48
MG MG F . 32.80 2.49 -16.69
PB ADP G . -12.27 6.52 -6.44
O1B ADP G . -12.52 7.72 -5.51
O2B ADP G . -10.86 6.21 -6.84
O3B ADP G . -13.21 6.50 -7.60
PA ADP G . -12.81 3.72 -5.86
O1A ADP G . -12.03 3.29 -7.06
O2A ADP G . -12.63 2.99 -4.55
O3A ADP G . -12.64 5.29 -5.48
O5' ADP G . -14.37 3.68 -6.32
C5' ADP G . -15.35 3.95 -5.30
C4' ADP G . -16.73 3.61 -5.81
O4' ADP G . -16.74 2.18 -5.94
C3' ADP G . -17.88 4.00 -4.89
O3' ADP G . -19.03 4.38 -5.65
C2' ADP G . -18.17 2.70 -4.17
O2' ADP G . -19.49 2.68 -3.63
C1' ADP G . -17.92 1.72 -5.30
N9 ADP G . -17.79 0.28 -4.92
C8 ADP G . -16.91 -0.24 -4.03
N7 ADP G . -17.09 -1.59 -3.93
C5 ADP G . -18.10 -1.92 -4.79
C6 ADP G . -18.81 -3.14 -5.18
N6 ADP G . -18.47 -4.32 -4.63
N1 ADP G . -19.79 -3.06 -6.13
C2 ADP G . -20.15 -1.88 -6.69
N3 ADP G . -19.57 -0.72 -6.34
C4 ADP G . -18.55 -0.67 -5.42
P PO4 H . -10.19 9.35 -9.25
O1 PO4 H . -9.49 9.57 -7.94
O2 PO4 H . -9.24 9.83 -10.33
O3 PO4 H . -10.39 7.86 -9.44
O4 PO4 H . -11.47 10.15 -9.31
MG MG I . -9.75 6.06 -8.50
CL CL J . -24.30 15.89 0.05
C1 PGE K . -22.20 2.08 -27.75
O1 PGE K . -21.53 3.28 -28.08
C2 PGE K . -23.08 2.27 -26.53
O2 PGE K . -23.01 1.07 -25.76
C3 PGE K . -24.08 0.14 -25.84
C4 PGE K . -23.54 -1.28 -25.89
O4 PGE K . -26.92 -3.85 -26.85
C6 PGE K . -25.76 -3.60 -27.66
C5 PGE K . -24.57 -3.30 -26.76
O3 PGE K . -24.15 -1.94 -27.00
PB ADP L . -23.90 -12.25 24.05
O1B ADP L . -24.53 -10.89 24.28
O2B ADP L . -24.93 -13.36 23.85
O3B ADP L . -22.84 -12.62 25.04
PA ADP L . -22.20 -12.79 21.74
O1A ADP L . -22.28 -12.28 20.31
O2A ADP L . -22.21 -14.27 21.96
O3A ADP L . -23.26 -11.96 22.61
O5' ADP L . -20.80 -12.32 22.40
C5' ADP L . -20.33 -11.02 22.19
C4' ADP L . -18.90 -10.95 22.67
O4' ADP L . -18.09 -11.74 21.80
C3' ADP L . -18.37 -9.52 22.60
O3' ADP L . -17.50 -9.30 23.72
C2' ADP L . -17.63 -9.50 21.27
O2' ADP L . -16.57 -8.56 21.20
C1' ADP L . -17.05 -10.90 21.28
N9 ADP L . -16.61 -11.36 19.97
C8 ADP L . -17.33 -11.42 18.81
N7 ADP L . -16.55 -11.93 17.83
C5 ADP L . -15.33 -12.20 18.37
C6 ADP L . -14.04 -12.74 17.91
N6 ADP L . -13.88 -13.12 16.61
N1 ADP L . -13.02 -12.84 18.82
C2 ADP L . -13.16 -12.46 20.10
N3 ADP L . -14.31 -11.95 20.60
C4 ADP L . -15.38 -11.82 19.79
P PO4 M . -26.29 -13.86 27.48
O1 PO4 M . -25.59 -12.88 28.37
O2 PO4 M . -25.35 -14.60 26.57
O3 PO4 M . -26.99 -14.89 28.37
O4 PO4 M . -27.30 -13.15 26.59
MG MG N . -25.27 -15.19 24.50
#